data_6SNI
#
_entry.id   6SNI
#
_cell.length_a   1.00
_cell.length_b   1.00
_cell.length_c   1.00
_cell.angle_alpha   90.00
_cell.angle_beta   90.00
_cell.angle_gamma   90.00
#
_symmetry.space_group_name_H-M   'P 1'
#
loop_
_entity.id
_entity.type
_entity.pdbx_description
1 polymer 'Dolichyl pyrophosphate Man9GlcNAc2 alpha-1,3-glucosyltransferase'
2 polymer '6AG9-Fab heavy chain'
3 polymer '6AG9-Fab light chain'
4 non-polymer PHOSPHATIDYLETHANOLAMINE
5 non-polymer 'CHOLESTEROL HEMISUCCINATE'
6 water water
#
loop_
_entity_poly.entity_id
_entity_poly.type
_entity_poly.pdbx_seq_one_letter_code
_entity_poly.pdbx_strand_id
1 'polypeptide(L)'
;GPGGSTGRLAGAGGEFVDMAIGKRLLVNKPAEESFYASPMYDFLYPFRPVGNQWLPEYIIFVCAVILRCTIGLGPYSGKG
SPPLYGDFEAQRHWMEITQHLPLSKWYWYDLQYWGLDYPPLTAFHSYLLGLIGSFFNPSWFALEKSRGFESPDNGLKTYM
RSTVIISDILFYFPAVIYFTKWLGRYRNQSPIGQSIAASAILFQPSLMLIDHGHFQYNSVMLGLTAYAINNLLDEYYAMA
AVCFVLSICFKQMALYYAPIFFAYLLSRSLLFPKFNIARLTVIAFATLATFAIIFAPLYFLGGGLKNIHQCIHRIFPFAR
GIFEDKVANFWCVTNVFVKYKERFTIQQLQLYSLIATVIGFLPAMIMTLLHPKKHLLPYVLIACSMSFFLFSFQVHEKTI
LIPLLPITLLYSSTDWNVLSLVSWINNVALFTLWPLLKKDGLHLQYAVSFLLSNWLIGNFSFITPRFLPKSLTPGPSISS
INSDYRRRSLLPYNVVWKSFIIGTYIAMGFYHFLDQFVAPPSKYPDLWVLLNCAVGFICFSIFWLWSYYKIFTSGSKSMK
DL
;
X
2 'polypeptide(L)'
;EISEVQLVESGGGLVQPGGSLRLSCAASGFNVYSSSIHWVRQAPGKGLEWVASISSYSGYTSYADSVKGRFTISADTSKN
TAYLQMNSLRAEDTAVYYCAREYWSWYSYSYGIDYWGQGTLVTVSSASTKGPSVFPLAPSSKSTSGGTAALGCLVKDYFP
EPVTVSWNSGALTSGVHTFPAVLQSSGLYSLSSVVTVPSSSLGTQTYICNVNHKPSNTKVDKKVEPKSCDKTHT
;
H
3 'polypeptide(L)'
;SDIQMTQSPSSLSASVGDRVTITCRASQSVSSAVAWYQQKPGKAPKLLIYSASSLYSGVPSRFSGSRSGTDFTLTISSLQ
PEDFATYYCQQSYWVGYPITFGQGTKVEIKRTVAAPSVFIFPPSDSQLKSGTASVVCLLNNFYPREAKVQWKVDNALQSG
NSQESVTEQDSKDSTYSLSSTLTLSKADYEKHKVYACEVTHQGLSSPVTKSFNRGEC
;
L
#
loop_
_chem_comp.id
_chem_comp.type
_chem_comp.name
_chem_comp.formula
PTY non-polymer PHOSPHATIDYLETHANOLAMINE 'C40 H80 N O8 P'
Y01 non-polymer 'CHOLESTEROL HEMISUCCINATE' 'C31 H50 O4'
#
# COMPACT_ATOMS: atom_id res chain seq x y z
N PRO A 56 12.13 -26.83 50.63
CA PRO A 56 12.08 -25.52 51.30
C PRO A 56 11.56 -24.41 50.38
N GLU A 57 12.45 -23.88 49.55
CA GLU A 57 12.12 -22.80 48.63
C GLU A 57 12.26 -23.20 47.17
N TYR A 58 12.49 -24.48 46.86
CA TYR A 58 12.56 -24.97 45.50
C TYR A 58 11.27 -25.62 45.03
N ILE A 59 10.26 -25.70 45.90
CA ILE A 59 8.98 -26.27 45.48
C ILE A 59 8.13 -25.26 44.74
N ILE A 60 8.40 -23.96 44.91
CA ILE A 60 7.75 -22.95 44.09
C ILE A 60 8.22 -23.05 42.65
N PHE A 61 9.53 -23.23 42.45
CA PHE A 61 10.07 -23.34 41.10
C PHE A 61 9.54 -24.57 40.38
N VAL A 62 8.96 -25.53 41.09
CA VAL A 62 8.41 -26.73 40.49
C VAL A 62 6.90 -26.62 40.31
N CYS A 63 6.21 -26.04 41.29
CA CYS A 63 4.79 -25.78 41.10
C CYS A 63 4.55 -24.81 39.94
N ALA A 64 5.46 -23.86 39.73
CA ALA A 64 5.32 -22.96 38.59
C ALA A 64 5.40 -23.71 37.27
N VAL A 65 6.34 -24.66 37.17
CA VAL A 65 6.48 -25.40 35.93
C VAL A 65 5.30 -26.36 35.74
N ILE A 66 4.78 -26.94 36.82
CA ILE A 66 3.60 -27.78 36.68
C ILE A 66 2.40 -26.95 36.25
N LEU A 67 2.29 -25.72 36.75
CA LEU A 67 1.21 -24.84 36.31
C LEU A 67 1.34 -24.52 34.83
N ARG A 68 2.56 -24.19 34.39
CA ARG A 68 2.77 -23.92 32.97
C ARG A 68 2.54 -25.14 32.10
N CYS A 69 2.72 -26.33 32.66
CA CYS A 69 2.44 -27.56 31.92
C CYS A 69 0.96 -27.82 31.80
N THR A 70 0.19 -27.58 32.87
CA THR A 70 -1.23 -27.84 32.83
C THR A 70 -2.00 -26.78 32.07
N ILE A 71 -1.50 -25.54 32.04
CA ILE A 71 -2.14 -24.51 31.23
C ILE A 71 -1.95 -24.81 29.75
N GLY A 72 -1.07 -25.75 29.42
CA GLY A 72 -0.76 -26.06 28.04
C GLY A 72 -1.44 -27.32 27.57
N LEU A 73 -2.56 -27.66 28.19
CA LEU A 73 -3.44 -28.71 27.70
C LEU A 73 -4.65 -28.17 26.98
N GLY A 74 -4.82 -26.84 26.94
CA GLY A 74 -5.91 -26.22 26.24
C GLY A 74 -5.51 -25.83 24.84
N PRO A 75 -6.49 -25.45 24.02
CA PRO A 75 -6.20 -25.23 22.59
C PRO A 75 -5.30 -24.04 22.37
N TYR A 76 -4.39 -24.19 21.41
CA TYR A 76 -3.49 -23.11 21.05
C TYR A 76 -4.19 -22.15 20.08
N SER A 77 -3.48 -21.11 19.69
CA SER A 77 -4.03 -20.10 18.79
C SER A 77 -4.15 -20.67 17.38
N GLY A 78 -5.36 -20.96 16.95
CA GLY A 78 -5.60 -21.34 15.57
C GLY A 78 -6.02 -22.77 15.33
N LYS A 79 -6.25 -23.55 16.38
CA LYS A 79 -6.69 -24.92 16.18
C LYS A 79 -8.02 -24.93 15.43
N GLY A 80 -8.14 -25.81 14.44
CA GLY A 80 -9.32 -25.85 13.61
C GLY A 80 -9.54 -24.55 12.87
N SER A 81 -8.65 -24.22 11.94
CA SER A 81 -8.74 -23.02 11.12
C SER A 81 -7.95 -23.24 9.84
N PRO A 82 -8.56 -23.83 8.82
CA PRO A 82 -7.79 -24.37 7.69
C PRO A 82 -6.94 -23.30 7.00
N PRO A 83 -7.56 -22.23 6.49
CA PRO A 83 -6.83 -21.35 5.57
C PRO A 83 -5.49 -20.86 6.12
N LEU A 84 -5.53 -20.16 7.25
CA LEU A 84 -4.34 -19.71 7.97
C LEU A 84 -4.56 -20.01 9.44
N TYR A 85 -3.70 -20.83 10.01
CA TYR A 85 -3.85 -21.19 11.42
C TYR A 85 -3.32 -20.04 12.26
N GLY A 86 -3.15 -20.26 13.56
CA GLY A 86 -2.79 -19.18 14.45
C GLY A 86 -1.31 -18.90 14.54
N ASP A 87 -0.79 -18.78 15.76
CA ASP A 87 0.61 -18.50 16.00
C ASP A 87 1.40 -19.75 16.36
N PHE A 88 0.72 -20.89 16.50
CA PHE A 88 1.40 -22.17 16.53
C PHE A 88 1.92 -22.53 15.14
N GLU A 89 1.13 -22.22 14.12
CA GLU A 89 1.51 -22.54 12.75
C GLU A 89 2.61 -21.64 12.24
N ALA A 90 2.64 -20.37 12.64
CA ALA A 90 3.76 -19.52 12.28
C ALA A 90 5.08 -20.10 12.78
N GLN A 91 5.13 -20.47 14.06
CA GLN A 91 6.36 -20.99 14.62
C GLN A 91 6.74 -22.33 14.01
N ARG A 92 5.77 -23.23 13.85
CA ARG A 92 6.06 -24.48 13.17
C ARG A 92 6.59 -24.24 11.77
N HIS A 93 6.04 -23.25 11.08
CA HIS A 93 6.49 -22.95 9.72
C HIS A 93 7.92 -22.44 9.72
N TRP A 94 8.28 -21.62 10.70
CA TRP A 94 9.65 -21.13 10.76
C TRP A 94 10.61 -22.27 11.05
N MET A 95 10.23 -23.17 11.95
CA MET A 95 11.07 -24.34 12.23
C MET A 95 11.19 -25.24 11.01
N GLU A 96 10.20 -25.20 10.12
CA GLU A 96 10.25 -26.02 8.91
C GLU A 96 11.03 -25.33 7.81
N ILE A 97 11.10 -24.00 7.83
CA ILE A 97 11.65 -23.25 6.71
C ILE A 97 13.13 -22.94 6.95
N THR A 98 13.56 -22.88 8.21
CA THR A 98 14.94 -22.49 8.47
C THR A 98 15.90 -23.64 8.22
N GLN A 99 15.47 -24.88 8.46
CA GLN A 99 16.35 -26.04 8.33
C GLN A 99 16.31 -26.67 6.96
N HIS A 100 15.56 -26.11 6.01
CA HIS A 100 15.46 -26.66 4.66
C HIS A 100 15.84 -25.68 3.58
N LEU A 101 16.06 -24.41 3.88
CA LEU A 101 16.46 -23.42 2.91
C LEU A 101 17.82 -22.84 3.29
N PRO A 102 18.57 -22.31 2.33
CA PRO A 102 19.82 -21.64 2.66
C PRO A 102 19.55 -20.40 3.49
N LEU A 103 20.61 -19.85 4.06
CA LEU A 103 20.46 -18.65 4.86
C LEU A 103 20.17 -17.42 4.02
N SER A 104 20.11 -17.56 2.70
CA SER A 104 19.80 -16.46 1.80
C SER A 104 18.39 -16.56 1.22
N LYS A 105 17.49 -17.28 1.90
CA LYS A 105 16.09 -17.33 1.50
C LYS A 105 15.16 -17.31 2.71
N TRP A 106 15.67 -17.10 3.93
CA TRP A 106 14.82 -17.13 5.09
C TRP A 106 13.84 -15.96 5.11
N TYR A 107 14.29 -14.79 4.67
CA TYR A 107 13.47 -13.58 4.66
C TYR A 107 12.86 -13.29 3.30
N TRP A 108 13.08 -14.15 2.32
CA TRP A 108 12.51 -13.99 0.99
C TRP A 108 11.55 -15.09 0.59
N TYR A 109 11.56 -16.23 1.27
CA TYR A 109 10.99 -17.46 0.72
C TYR A 109 9.53 -17.33 0.34
N ASP A 110 8.65 -17.11 1.31
CA ASP A 110 7.21 -17.02 1.06
C ASP A 110 6.66 -16.01 2.05
N LEU A 111 6.53 -14.76 1.61
CA LEU A 111 6.20 -13.67 2.50
C LEU A 111 4.72 -13.55 2.78
N GLN A 112 3.87 -14.32 2.09
CA GLN A 112 2.43 -14.23 2.31
C GLN A 112 1.88 -15.34 3.18
N TYR A 113 2.63 -16.41 3.42
CA TYR A 113 2.22 -17.46 4.35
C TYR A 113 3.19 -17.45 5.52
N TRP A 114 2.91 -16.63 6.52
CA TRP A 114 3.71 -16.57 7.74
C TRP A 114 5.19 -16.39 7.42
N GLY A 115 5.52 -15.26 6.81
CA GLY A 115 6.90 -14.91 6.58
C GLY A 115 7.63 -14.68 7.88
N LEU A 116 8.92 -14.36 7.77
CA LEU A 116 9.76 -14.14 8.94
C LEU A 116 9.70 -12.66 9.34
N ASP A 117 9.21 -12.39 10.55
CA ASP A 117 8.98 -11.03 11.02
C ASP A 117 9.96 -10.61 12.11
N TYR A 118 10.79 -11.51 12.62
CA TYR A 118 11.64 -11.21 13.76
C TYR A 118 13.10 -11.21 13.35
N PRO A 119 13.96 -10.59 14.14
CA PRO A 119 15.37 -10.48 13.78
C PRO A 119 16.05 -11.84 13.77
N PRO A 120 17.35 -11.88 13.48
CA PRO A 120 18.02 -13.17 13.29
C PRO A 120 17.92 -14.12 14.47
N LEU A 121 18.16 -13.65 15.70
CA LEU A 121 18.21 -14.59 16.82
C LEU A 121 16.98 -15.47 16.88
N THR A 122 15.80 -14.94 16.53
CA THR A 122 14.62 -15.78 16.46
C THR A 122 14.78 -16.87 15.40
N ALA A 123 15.38 -16.52 14.26
CA ALA A 123 15.62 -17.52 13.23
C ALA A 123 16.56 -18.61 13.71
N PHE A 124 17.63 -18.23 14.42
CA PHE A 124 18.57 -19.22 14.93
C PHE A 124 17.91 -20.12 15.98
N HIS A 125 17.11 -19.52 16.87
CA HIS A 125 16.36 -20.29 17.85
C HIS A 125 15.46 -21.31 17.17
N SER A 126 14.72 -20.87 16.15
CA SER A 126 13.84 -21.79 15.42
C SER A 126 14.62 -22.87 14.70
N TYR A 127 15.80 -22.52 14.16
CA TYR A 127 16.65 -23.52 13.51
C TYR A 127 17.06 -24.60 14.50
N LEU A 128 17.53 -24.20 15.68
CA LEU A 128 17.98 -25.16 16.68
C LEU A 128 16.83 -26.07 17.10
N LEU A 129 15.68 -25.48 17.44
CA LEU A 129 14.55 -26.29 17.86
C LEU A 129 14.05 -27.19 16.73
N GLY A 130 14.12 -26.70 15.49
CA GLY A 130 13.72 -27.52 14.36
C GLY A 130 14.60 -28.72 14.17
N LEU A 131 15.91 -28.56 14.39
CA LEU A 131 16.78 -29.73 14.36
C LEU A 131 16.42 -30.71 15.47
N ILE A 132 16.37 -30.22 16.71
CA ILE A 132 16.10 -31.11 17.83
C ILE A 132 14.75 -31.79 17.69
N GLY A 133 13.85 -31.22 16.89
CA GLY A 133 12.52 -31.79 16.74
C GLY A 133 12.35 -32.67 15.51
N SER A 134 13.04 -32.33 14.42
CA SER A 134 13.11 -33.20 13.28
C SER A 134 13.96 -34.43 13.56
N PHE A 135 14.65 -34.45 14.69
CA PHE A 135 15.23 -35.71 15.16
C PHE A 135 14.13 -36.70 15.53
N PHE A 136 13.21 -36.29 16.42
CA PHE A 136 12.17 -37.19 16.89
C PHE A 136 11.33 -37.73 15.74
N ASN A 137 10.63 -36.85 15.03
CA ASN A 137 9.77 -37.24 13.93
C ASN A 137 10.01 -36.27 12.78
N PRO A 138 10.51 -36.74 11.64
CA PRO A 138 10.84 -35.80 10.56
C PRO A 138 9.64 -35.29 9.79
N SER A 139 8.55 -36.04 9.70
CA SER A 139 7.41 -35.64 8.88
C SER A 139 6.71 -34.39 9.42
N TRP A 140 7.08 -33.92 10.60
CA TRP A 140 6.51 -32.68 11.12
C TRP A 140 7.01 -31.49 10.32
N PHE A 141 8.32 -31.30 10.28
CA PHE A 141 8.94 -30.13 9.67
C PHE A 141 9.43 -30.44 8.25
N ALA A 142 8.50 -30.86 7.39
CA ALA A 142 8.81 -31.07 5.98
C ALA A 142 8.50 -29.81 5.19
N LEU A 143 9.09 -29.71 4.01
CA LEU A 143 9.06 -28.47 3.22
C LEU A 143 7.83 -28.46 2.33
N GLU A 144 6.84 -27.66 2.70
CA GLU A 144 5.64 -27.42 1.89
C GLU A 144 4.69 -28.60 1.91
N LYS A 145 5.12 -29.72 2.50
CA LYS A 145 4.26 -30.88 2.64
C LYS A 145 3.52 -30.85 3.97
N SER A 146 4.26 -30.68 5.07
CA SER A 146 3.69 -30.62 6.40
C SER A 146 3.32 -29.19 6.76
N ARG A 147 2.40 -28.63 5.97
CA ARG A 147 1.94 -27.26 6.14
C ARG A 147 0.53 -27.31 6.71
N GLY A 148 0.39 -26.98 7.98
CA GLY A 148 -0.89 -27.07 8.66
C GLY A 148 -1.01 -28.41 9.38
N PHE A 149 0.10 -28.90 9.89
CA PHE A 149 0.17 -30.25 10.45
C PHE A 149 -0.58 -30.30 11.77
N GLU A 150 -1.61 -31.14 11.84
CA GLU A 150 -2.34 -31.41 13.07
C GLU A 150 -2.47 -32.91 13.23
N SER A 151 -2.14 -33.40 14.42
CA SER A 151 -2.07 -34.81 14.69
C SER A 151 -3.15 -35.24 15.67
N PRO A 152 -3.79 -36.40 15.46
CA PRO A 152 -4.76 -36.88 16.44
C PRO A 152 -4.12 -37.33 17.74
N ASP A 153 -2.94 -37.95 17.67
CA ASP A 153 -2.21 -38.36 18.86
C ASP A 153 -1.85 -37.20 19.76
N ASN A 154 -1.91 -35.97 19.26
CA ASN A 154 -1.36 -34.81 19.94
C ASN A 154 0.16 -34.93 20.06
N GLY A 155 0.79 -35.44 19.00
CA GLY A 155 2.20 -35.29 18.82
C GLY A 155 2.48 -34.07 17.97
N LEU A 156 3.55 -33.36 18.31
CA LEU A 156 3.86 -32.03 17.82
C LEU A 156 3.09 -30.96 18.58
N LYS A 157 2.15 -31.34 19.44
CA LYS A 157 1.55 -30.38 20.37
C LYS A 157 2.16 -30.49 21.75
N THR A 158 2.93 -31.55 22.01
CA THR A 158 3.70 -31.68 23.24
C THR A 158 5.13 -31.25 23.04
N TYR A 159 5.72 -31.55 21.90
CA TYR A 159 7.10 -31.12 21.64
C TYR A 159 7.21 -29.61 21.70
N MET A 160 6.28 -28.89 21.08
CA MET A 160 6.34 -27.43 21.09
C MET A 160 6.05 -26.87 22.47
N ARG A 161 5.02 -27.37 23.13
CA ARG A 161 4.69 -26.93 24.47
C ARG A 161 5.83 -27.20 25.45
N SER A 162 6.70 -28.16 25.14
CA SER A 162 7.88 -28.40 25.96
C SER A 162 9.07 -27.54 25.57
N THR A 163 9.21 -27.23 24.28
CA THR A 163 10.26 -26.30 23.87
C THR A 163 10.05 -24.93 24.50
N VAL A 164 8.79 -24.49 24.59
CA VAL A 164 8.55 -23.19 25.23
C VAL A 164 8.89 -23.25 26.71
N ILE A 165 8.52 -24.34 27.39
CA ILE A 165 8.84 -24.47 28.80
C ILE A 165 10.34 -24.46 29.01
N ILE A 166 11.09 -25.16 28.15
CA ILE A 166 12.54 -25.21 28.30
C ILE A 166 13.15 -23.84 28.08
N SER A 167 12.78 -23.17 26.98
CA SER A 167 13.35 -21.85 26.71
C SER A 167 13.04 -20.88 27.84
N ASP A 168 11.85 -20.98 28.45
CA ASP A 168 11.52 -20.10 29.56
C ASP A 168 12.33 -20.46 30.80
N ILE A 169 12.46 -21.76 31.10
CA ILE A 169 13.25 -22.17 32.25
C ILE A 169 14.68 -21.67 32.12
N LEU A 170 15.18 -21.59 30.88
CA LEU A 170 16.56 -21.15 30.69
C LEU A 170 16.68 -19.64 30.77
N PHE A 171 15.87 -18.91 30.02
CA PHE A 171 16.08 -17.48 29.83
C PHE A 171 15.24 -16.59 30.73
N TYR A 172 14.35 -17.14 31.56
CA TYR A 172 13.49 -16.26 32.35
C TYR A 172 13.51 -16.54 33.85
N PHE A 173 13.62 -17.80 34.26
CA PHE A 173 13.62 -18.09 35.70
C PHE A 173 14.87 -17.57 36.39
N PRO A 174 16.08 -17.89 35.94
CA PRO A 174 17.28 -17.41 36.64
C PRO A 174 17.37 -15.90 36.71
N ALA A 175 17.05 -15.18 35.62
CA ALA A 175 17.11 -13.73 35.66
C ALA A 175 16.31 -13.17 36.82
N VAL A 176 15.02 -13.51 36.88
CA VAL A 176 14.13 -12.93 37.88
C VAL A 176 14.51 -13.40 39.28
N ILE A 177 14.91 -14.66 39.41
CA ILE A 177 15.25 -15.17 40.73
C ILE A 177 16.49 -14.47 41.26
N TYR A 178 17.49 -14.26 40.41
CA TYR A 178 18.68 -13.53 40.84
C TYR A 178 18.37 -12.08 41.13
N PHE A 179 17.43 -11.48 40.40
CA PHE A 179 17.04 -10.11 40.71
C PHE A 179 16.48 -10.01 42.13
N THR A 180 15.50 -10.86 42.44
CA THR A 180 14.93 -10.80 43.78
C THR A 180 15.95 -11.17 44.85
N LYS A 181 16.89 -12.07 44.53
CA LYS A 181 17.94 -12.40 45.49
C LYS A 181 18.85 -11.22 45.76
N TRP A 182 19.27 -10.52 44.70
CA TRP A 182 20.10 -9.34 44.87
C TRP A 182 19.40 -8.30 45.73
N LEU A 183 18.13 -8.01 45.42
CA LEU A 183 17.38 -7.06 46.22
C LEU A 183 17.32 -7.48 47.67
N GLY A 184 16.88 -8.71 47.94
CA GLY A 184 16.81 -9.17 49.31
C GLY A 184 18.14 -9.05 50.04
N ARG A 185 19.18 -9.69 49.51
CA ARG A 185 20.48 -9.68 50.18
C ARG A 185 21.00 -8.25 50.38
N TYR A 186 20.63 -7.33 49.49
CA TYR A 186 21.08 -5.95 49.65
C TYR A 186 20.28 -5.23 50.72
N ARG A 187 19.04 -5.66 50.96
CA ARG A 187 18.18 -5.02 51.94
C ARG A 187 17.87 -5.92 53.14
N ASN A 188 18.56 -7.05 53.26
CA ASN A 188 18.40 -7.95 54.40
C ASN A 188 16.94 -8.39 54.56
N GLN A 189 16.36 -8.89 53.47
CA GLN A 189 15.02 -9.40 53.51
C GLN A 189 15.00 -10.85 53.98
N SER A 190 14.11 -11.13 54.94
CA SER A 190 13.94 -12.48 55.42
C SER A 190 13.81 -13.45 54.24
N PRO A 191 14.53 -14.57 54.26
CA PRO A 191 14.40 -15.56 53.18
C PRO A 191 12.97 -15.77 52.70
N ILE A 192 12.00 -15.80 53.62
CA ILE A 192 10.60 -15.87 53.21
C ILE A 192 10.20 -14.58 52.49
N GLY A 193 10.75 -13.44 52.93
CA GLY A 193 10.49 -12.19 52.25
C GLY A 193 10.93 -12.21 50.80
N GLN A 194 12.02 -12.91 50.50
CA GLN A 194 12.43 -13.07 49.11
C GLN A 194 11.58 -14.13 48.40
N SER A 195 11.26 -15.22 49.10
CA SER A 195 10.57 -16.33 48.44
C SER A 195 9.16 -15.92 48.03
N ILE A 196 8.49 -15.10 48.83
CA ILE A 196 7.14 -14.65 48.45
C ILE A 196 7.20 -13.69 47.27
N ALA A 197 8.16 -12.75 47.30
CA ALA A 197 8.30 -11.82 46.20
C ALA A 197 8.71 -12.52 44.92
N ALA A 198 9.35 -13.69 45.03
CA ALA A 198 9.75 -14.46 43.87
C ALA A 198 8.66 -15.41 43.39
N SER A 199 7.78 -15.85 44.28
CA SER A 199 6.63 -16.62 43.84
C SER A 199 5.60 -15.73 43.15
N ALA A 200 5.43 -14.50 43.62
CA ALA A 200 4.49 -13.59 42.96
C ALA A 200 4.93 -13.24 41.55
N ILE A 201 6.24 -13.25 41.27
CA ILE A 201 6.72 -12.85 39.96
C ILE A 201 6.63 -13.99 38.95
N LEU A 202 6.58 -15.23 39.43
CA LEU A 202 6.57 -16.38 38.52
C LEU A 202 5.16 -16.82 38.13
N PHE A 203 4.13 -16.34 38.82
CA PHE A 203 2.76 -16.71 38.52
C PHE A 203 1.99 -15.59 37.82
N GLN A 204 2.67 -14.59 37.29
CA GLN A 204 2.02 -13.53 36.56
C GLN A 204 1.11 -14.14 35.50
N PRO A 205 -0.21 -13.91 35.56
CA PRO A 205 -1.10 -14.65 34.66
C PRO A 205 -0.99 -14.24 33.21
N SER A 206 -0.78 -12.96 32.92
CA SER A 206 -0.81 -12.50 31.54
C SER A 206 0.24 -13.21 30.70
N LEU A 207 1.47 -13.26 31.18
CA LEU A 207 2.53 -13.91 30.42
C LEU A 207 2.35 -15.43 30.40
N MET A 208 1.96 -16.01 31.53
CA MET A 208 1.79 -17.45 31.61
C MET A 208 0.67 -17.94 30.71
N LEU A 209 -0.26 -17.07 30.33
CA LEU A 209 -1.31 -17.44 29.40
C LEU A 209 -1.01 -17.02 27.97
N ILE A 210 -0.21 -15.99 27.77
CA ILE A 210 0.15 -15.59 26.41
C ILE A 210 1.29 -16.45 25.86
N ASP A 211 2.00 -17.19 26.72
CA ASP A 211 3.02 -18.10 26.24
C ASP A 211 2.52 -19.53 26.17
N HIS A 212 2.06 -20.04 27.30
CA HIS A 212 1.54 -21.40 27.41
C HIS A 212 0.02 -21.35 27.28
N GLY A 213 -0.45 -21.46 26.05
CA GLY A 213 -1.88 -21.38 25.77
C GLY A 213 -2.15 -20.61 24.52
N HIS A 214 -1.31 -19.61 24.23
CA HIS A 214 -1.33 -18.90 22.97
C HIS A 214 -0.09 -19.19 22.14
N PHE A 215 0.96 -19.74 22.74
CA PHE A 215 2.21 -20.11 22.08
C PHE A 215 2.93 -18.90 21.49
N GLN A 216 3.48 -18.09 22.39
CA GLN A 216 4.46 -17.07 22.04
C GLN A 216 5.77 -17.35 22.76
N TYR A 217 6.89 -16.96 22.13
CA TYR A 217 8.20 -16.99 22.78
C TYR A 217 8.57 -15.59 23.28
N ASN A 218 7.87 -15.15 24.33
CA ASN A 218 8.13 -13.84 24.90
C ASN A 218 8.97 -13.92 26.17
N SER A 219 8.89 -15.04 26.88
CA SER A 219 9.70 -15.22 28.07
C SER A 219 11.18 -15.04 27.78
N VAL A 220 11.63 -15.42 26.58
CA VAL A 220 13.04 -15.25 26.23
C VAL A 220 13.38 -13.77 26.07
N MET A 221 12.58 -13.06 25.28
CA MET A 221 12.85 -11.64 25.05
C MET A 221 12.78 -10.84 26.33
N LEU A 222 11.96 -11.27 27.29
CA LEU A 222 11.91 -10.56 28.56
C LEU A 222 13.03 -10.99 29.51
N GLY A 223 13.44 -12.25 29.46
CA GLY A 223 14.50 -12.71 30.33
C GLY A 223 15.85 -12.14 29.96
N LEU A 224 16.10 -11.94 28.67
CA LEU A 224 17.34 -11.29 28.28
C LEU A 224 17.40 -9.85 28.81
N THR A 225 16.25 -9.16 28.83
CA THR A 225 16.24 -7.81 29.36
C THR A 225 16.35 -7.80 30.88
N ALA A 226 15.80 -8.81 31.55
CA ALA A 226 16.05 -8.92 32.98
C ALA A 226 17.53 -9.19 33.28
N TYR A 227 18.19 -9.96 32.42
CA TYR A 227 19.64 -10.11 32.54
C TYR A 227 20.34 -8.76 32.38
N ALA A 228 19.90 -7.95 31.42
CA ALA A 228 20.49 -6.63 31.26
C ALA A 228 20.32 -5.79 32.52
N ILE A 229 19.12 -5.80 33.11
CA ILE A 229 18.90 -5.02 34.32
C ILE A 229 19.77 -5.53 35.45
N ASN A 230 19.96 -6.85 35.55
CA ASN A 230 20.84 -7.40 36.57
C ASN A 230 22.28 -6.92 36.37
N ASN A 231 22.78 -7.00 35.13
CA ASN A 231 24.11 -6.49 34.86
C ASN A 231 24.22 -5.03 35.26
N LEU A 232 23.20 -4.22 34.97
CA LEU A 232 23.23 -2.83 35.40
C LEU A 232 23.30 -2.71 36.91
N LEU A 233 22.63 -3.60 37.63
CA LEU A 233 22.73 -3.57 39.10
C LEU A 233 24.14 -3.88 39.56
N ASP A 234 24.72 -4.98 39.07
CA ASP A 234 26.06 -5.39 39.47
C ASP A 234 27.15 -4.50 38.90
N GLU A 235 26.81 -3.57 38.01
CA GLU A 235 27.75 -2.60 37.47
C GLU A 235 28.69 -3.19 36.43
N TYR A 236 28.25 -4.18 35.66
CA TYR A 236 28.98 -4.64 34.48
C TYR A 236 28.29 -4.02 33.26
N TYR A 237 28.59 -2.76 32.98
CA TYR A 237 27.92 -2.08 31.89
C TYR A 237 28.27 -2.67 30.53
N ALA A 238 29.55 -3.02 30.32
CA ALA A 238 29.96 -3.56 29.03
C ALA A 238 29.21 -4.83 28.68
N MET A 239 28.69 -5.54 29.68
CA MET A 239 27.95 -6.76 29.44
C MET A 239 26.43 -6.53 29.43
N ALA A 240 25.95 -5.52 30.14
CA ALA A 240 24.55 -5.16 30.05
C ALA A 240 24.22 -4.63 28.67
N ALA A 241 25.12 -3.83 28.08
CA ALA A 241 24.93 -3.43 26.70
C ALA A 241 24.73 -4.63 25.79
N VAL A 242 25.52 -5.68 26.00
CA VAL A 242 25.47 -6.84 25.12
C VAL A 242 24.19 -7.65 25.35
N CYS A 243 23.79 -7.83 26.61
CA CYS A 243 22.55 -8.54 26.88
C CYS A 243 21.35 -7.80 26.32
N PHE A 244 21.36 -6.47 26.36
CA PHE A 244 20.25 -5.73 25.76
C PHE A 244 20.28 -5.82 24.24
N VAL A 245 21.47 -5.77 23.64
CA VAL A 245 21.55 -5.92 22.19
C VAL A 245 21.09 -7.32 21.77
N LEU A 246 21.23 -8.31 22.65
CA LEU A 246 20.67 -9.63 22.35
C LEU A 246 19.16 -9.62 22.50
N SER A 247 18.65 -9.00 23.56
CA SER A 247 17.21 -8.94 23.76
C SER A 247 16.50 -8.21 22.63
N ILE A 248 17.19 -7.28 21.96
CA ILE A 248 16.57 -6.56 20.85
C ILE A 248 16.56 -7.42 19.59
N CYS A 249 17.51 -8.34 19.47
CA CYS A 249 17.63 -9.17 18.27
C CYS A 249 16.80 -10.45 18.35
N PHE A 250 16.02 -10.63 19.41
CA PHE A 250 15.05 -11.72 19.45
C PHE A 250 13.68 -11.24 18.99
N LYS A 251 13.13 -10.23 19.67
CA LYS A 251 11.94 -9.53 19.21
C LYS A 251 12.22 -8.04 19.28
N GLN A 252 11.90 -7.31 18.22
CA GLN A 252 12.25 -5.91 18.14
C GLN A 252 11.34 -5.03 18.99
N MET A 253 10.36 -5.59 19.69
CA MET A 253 9.55 -4.84 20.63
C MET A 253 10.26 -4.60 21.95
N ALA A 254 11.56 -4.88 22.03
CA ALA A 254 12.35 -4.54 23.20
C ALA A 254 12.98 -3.17 23.08
N LEU A 255 12.83 -2.51 21.94
CA LEU A 255 13.28 -1.15 21.75
C LEU A 255 12.48 -0.14 22.55
N TYR A 256 11.46 -0.58 23.28
CA TYR A 256 10.69 0.31 24.15
C TYR A 256 11.44 0.64 25.43
N TYR A 257 12.66 0.13 25.62
CA TYR A 257 13.51 0.50 26.73
C TYR A 257 14.76 1.24 26.29
N ALA A 258 15.11 1.19 25.01
CA ALA A 258 16.34 1.84 24.55
C ALA A 258 16.45 3.27 25.03
N PRO A 259 15.41 4.11 24.99
CA PRO A 259 15.52 5.47 25.52
C PRO A 259 15.98 5.54 26.96
N ILE A 260 15.95 4.44 27.71
CA ILE A 260 16.40 4.44 29.10
C ILE A 260 17.77 3.79 29.24
N PHE A 261 17.98 2.64 28.61
CA PHE A 261 19.29 2.00 28.65
C PHE A 261 20.36 2.94 28.10
N PHE A 262 20.07 3.59 26.98
CA PHE A 262 21.05 4.50 26.40
C PHE A 262 21.44 5.60 27.39
N ALA A 263 20.44 6.30 27.93
CA ALA A 263 20.73 7.39 28.86
C ALA A 263 21.46 6.89 30.09
N TYR A 264 21.10 5.71 30.58
CA TYR A 264 21.76 5.17 31.77
C TYR A 264 23.23 4.92 31.50
N LEU A 265 23.53 4.17 30.44
CA LEU A 265 24.92 3.87 30.12
C LEU A 265 25.72 5.14 29.85
N LEU A 266 25.12 6.11 29.15
CA LEU A 266 25.83 7.34 28.83
C LEU A 266 26.13 8.16 30.07
N SER A 267 25.11 8.47 30.86
CA SER A 267 25.34 9.25 32.07
C SER A 267 26.30 8.55 33.02
N ARG A 268 26.30 7.20 33.03
CA ARG A 268 27.22 6.49 33.91
C ARG A 268 28.63 6.52 33.37
N SER A 269 28.80 6.55 32.05
CA SER A 269 30.14 6.52 31.48
C SER A 269 30.78 7.91 31.49
N LEU A 270 30.18 8.86 30.79
CA LEU A 270 30.87 10.12 30.51
C LEU A 270 30.37 11.30 31.33
N LEU A 271 29.35 11.14 32.16
CA LEU A 271 28.82 12.30 32.87
C LEU A 271 28.86 12.15 34.38
N PHE A 272 28.36 11.06 34.94
CA PHE A 272 28.04 11.11 36.37
C PHE A 272 29.31 11.16 37.24
N PRO A 273 30.09 10.08 37.32
CA PRO A 273 31.26 10.12 38.20
C PRO A 273 32.35 11.03 37.66
N LYS A 274 32.71 10.82 36.40
CA LYS A 274 33.77 11.56 35.75
C LYS A 274 33.45 11.63 34.26
N PHE A 275 34.40 12.13 33.48
CA PHE A 275 34.34 11.97 32.02
C PHE A 275 35.23 10.79 31.66
N ASN A 276 34.76 9.60 32.04
CA ASN A 276 35.47 8.36 31.75
C ASN A 276 35.32 8.04 30.27
N ILE A 277 36.40 8.18 29.52
CA ILE A 277 36.35 7.95 28.08
C ILE A 277 36.69 6.52 27.70
N ALA A 278 37.32 5.75 28.60
CA ALA A 278 37.59 4.36 28.31
C ALA A 278 36.30 3.53 28.34
N ARG A 279 35.52 3.66 29.42
CA ARG A 279 34.28 2.91 29.53
C ARG A 279 33.36 3.17 28.34
N LEU A 280 33.30 4.42 27.87
CA LEU A 280 32.48 4.72 26.71
C LEU A 280 32.92 3.89 25.51
N THR A 281 34.23 3.75 25.32
CA THR A 281 34.73 2.97 24.20
C THR A 281 34.43 1.49 24.39
N VAL A 282 34.55 1.00 25.62
CA VAL A 282 34.24 -0.41 25.89
C VAL A 282 32.79 -0.71 25.57
N ILE A 283 31.88 0.20 25.93
CA ILE A 283 30.46 -0.02 25.66
C ILE A 283 30.16 0.10 24.17
N ALA A 284 30.70 1.13 23.52
CA ALA A 284 30.48 1.29 22.09
C ALA A 284 31.09 0.16 21.28
N PHE A 285 32.06 -0.57 21.85
CA PHE A 285 32.59 -1.73 21.15
C PHE A 285 31.84 -3.00 21.47
N ALA A 286 31.36 -3.18 22.71
CA ALA A 286 30.49 -4.31 23.01
C ALA A 286 29.26 -4.30 22.12
N THR A 287 28.56 -3.17 22.08
CA THR A 287 27.36 -3.06 21.25
C THR A 287 27.65 -3.44 19.81
N LEU A 288 28.69 -2.84 19.22
CA LEU A 288 28.94 -3.06 17.80
C LEU A 288 29.40 -4.48 17.53
N ALA A 289 30.21 -5.06 18.42
CA ALA A 289 30.67 -6.42 18.20
C ALA A 289 29.51 -7.39 18.27
N THR A 290 28.58 -7.20 19.20
CA THR A 290 27.44 -8.12 19.29
C THR A 290 26.52 -7.96 18.07
N PHE A 291 26.22 -6.72 17.68
CA PHE A 291 25.42 -6.52 16.47
C PHE A 291 26.07 -7.20 15.27
N ALA A 292 27.39 -7.04 15.12
CA ALA A 292 28.07 -7.59 13.95
C ALA A 292 28.10 -9.10 13.98
N ILE A 293 28.34 -9.70 15.15
CA ILE A 293 28.35 -11.16 15.23
C ILE A 293 26.97 -11.75 15.02
N ILE A 294 25.91 -10.99 15.31
CA ILE A 294 24.57 -11.54 15.11
C ILE A 294 24.10 -11.34 13.67
N PHE A 295 24.58 -10.30 13.00
CA PHE A 295 24.14 -10.03 11.62
C PHE A 295 25.15 -10.47 10.56
N ALA A 296 26.29 -11.04 10.94
CA ALA A 296 27.29 -11.45 9.98
C ALA A 296 26.88 -12.69 9.19
N PRO A 297 26.21 -13.66 9.81
CA PRO A 297 25.73 -14.81 9.03
C PRO A 297 24.81 -14.42 7.87
N LEU A 298 24.01 -13.38 8.04
CA LEU A 298 23.20 -12.91 6.92
C LEU A 298 24.06 -12.30 5.83
N TYR A 299 25.14 -11.61 6.20
CA TYR A 299 25.97 -10.94 5.22
C TYR A 299 26.85 -11.92 4.46
N PHE A 300 27.76 -12.60 5.17
CA PHE A 300 28.70 -13.49 4.50
C PHE A 300 27.98 -14.68 3.88
N LEU A 301 27.29 -15.47 4.71
CA LEU A 301 26.58 -16.66 4.23
C LEU A 301 25.30 -16.33 3.50
N GLY A 302 24.79 -15.11 3.63
CA GLY A 302 23.59 -14.71 2.93
C GLY A 302 23.89 -14.20 1.54
N GLY A 303 23.45 -13.00 1.23
CA GLY A 303 23.66 -12.44 -0.09
C GLY A 303 24.54 -11.20 -0.10
N GLY A 304 24.50 -10.44 0.98
CA GLY A 304 25.27 -9.22 1.05
C GLY A 304 24.53 -8.11 1.75
N LEU A 305 24.56 -6.90 1.19
CA LEU A 305 23.77 -5.82 1.75
C LEU A 305 22.29 -5.99 1.41
N LYS A 306 21.99 -6.67 0.31
CA LYS A 306 20.60 -6.93 -0.04
C LYS A 306 19.89 -7.69 1.08
N ASN A 307 20.59 -8.65 1.70
CA ASN A 307 19.98 -9.41 2.79
C ASN A 307 19.77 -8.54 4.02
N ILE A 308 20.73 -7.66 4.32
CA ILE A 308 20.58 -6.76 5.46
C ILE A 308 19.38 -5.84 5.25
N HIS A 309 19.21 -5.36 4.02
CA HIS A 309 18.09 -4.46 3.74
C HIS A 309 16.75 -5.19 3.83
N GLN A 310 16.66 -6.38 3.23
CA GLN A 310 15.41 -7.14 3.31
C GLN A 310 15.06 -7.50 4.75
N CYS A 311 16.05 -7.88 5.56
CA CYS A 311 15.77 -8.18 6.96
C CYS A 311 15.32 -6.94 7.72
N ILE A 312 15.97 -5.79 7.46
CA ILE A 312 15.61 -4.57 8.17
C ILE A 312 14.18 -4.17 7.84
N HIS A 313 13.75 -4.40 6.60
CA HIS A 313 12.41 -4.00 6.23
C HIS A 313 11.37 -5.08 6.49
N ARG A 314 11.78 -6.31 6.79
CA ARG A 314 10.85 -7.29 7.31
C ARG A 314 10.62 -7.10 8.80
N ILE A 315 11.65 -6.68 9.54
CA ILE A 315 11.50 -6.44 10.96
C ILE A 315 10.62 -5.23 11.23
N PHE A 316 10.89 -4.13 10.52
CA PHE A 316 10.16 -2.87 10.68
C PHE A 316 9.30 -2.64 9.46
N PRO A 317 8.07 -3.14 9.42
CA PRO A 317 7.26 -3.02 8.21
C PRO A 317 6.48 -1.70 8.18
N PHE A 318 6.06 -1.34 6.98
CA PHE A 318 5.23 -0.16 6.80
C PHE A 318 3.85 -0.38 7.41
N ALA A 319 3.20 0.70 7.78
CA ALA A 319 1.89 0.65 8.42
C ALA A 319 0.79 0.79 7.39
N ARG A 320 -0.22 -0.06 7.49
CA ARG A 320 -1.37 -0.04 6.61
C ARG A 320 -2.63 -0.05 7.44
N GLY A 321 -3.52 0.91 7.19
CA GLY A 321 -4.71 1.08 7.98
C GLY A 321 -4.60 2.27 8.92
N ILE A 322 -5.69 2.56 9.60
CA ILE A 322 -5.75 3.65 10.56
C ILE A 322 -6.61 3.17 11.73
N PHE A 323 -5.97 2.88 12.87
CA PHE A 323 -6.66 2.51 14.10
C PHE A 323 -7.70 1.41 13.85
N GLU A 324 -7.25 0.34 13.19
CA GLU A 324 -8.13 -0.73 12.76
C GLU A 324 -8.25 -1.87 13.77
N ASP A 325 -7.61 -1.75 14.93
CA ASP A 325 -7.67 -2.80 15.93
C ASP A 325 -8.04 -2.20 17.28
N LYS A 326 -8.75 -2.98 18.09
CA LYS A 326 -9.28 -2.52 19.37
C LYS A 326 -8.24 -2.74 20.45
N VAL A 327 -7.53 -1.68 20.81
CA VAL A 327 -6.51 -1.71 21.85
C VAL A 327 -6.90 -0.73 22.95
N ALA A 328 -6.36 -0.94 24.13
CA ALA A 328 -6.50 0.02 25.23
C ALA A 328 -5.52 1.18 25.03
N ASN A 329 -5.62 1.79 23.86
CA ASN A 329 -4.73 2.85 23.41
C ASN A 329 -5.31 4.20 23.80
N PHE A 330 -4.58 5.27 23.48
CA PHE A 330 -5.15 6.60 23.52
C PHE A 330 -5.97 6.91 22.28
N TRP A 331 -5.87 6.06 21.25
CA TRP A 331 -6.60 6.29 20.01
C TRP A 331 -7.82 5.40 19.83
N CYS A 332 -7.81 4.15 20.33
CA CYS A 332 -9.05 3.38 20.34
C CYS A 332 -10.12 4.09 21.16
N VAL A 333 -9.72 4.92 22.11
CA VAL A 333 -10.66 5.50 23.05
C VAL A 333 -11.18 6.85 22.58
N THR A 334 -10.40 7.60 21.82
CA THR A 334 -10.84 8.88 21.31
C THR A 334 -11.19 8.85 19.82
N ASN A 335 -10.90 7.74 19.13
CA ASN A 335 -11.30 7.60 17.75
C ASN A 335 -12.78 7.29 17.62
N VAL A 336 -13.48 7.09 18.76
CA VAL A 336 -14.92 6.90 18.74
C VAL A 336 -15.68 8.19 18.93
N PHE A 337 -14.99 9.28 19.25
CA PHE A 337 -15.55 10.62 19.31
C PHE A 337 -15.02 11.53 18.22
N VAL A 338 -13.71 11.55 18.00
CA VAL A 338 -13.10 12.47 17.06
C VAL A 338 -13.12 11.94 15.63
N LYS A 339 -13.20 10.62 15.44
CA LYS A 339 -13.21 10.02 14.12
C LYS A 339 -12.05 10.54 13.27
N TYR A 340 -10.84 10.24 13.75
CA TYR A 340 -9.64 10.74 13.10
C TYR A 340 -9.61 10.37 11.62
N LYS A 341 -10.25 9.27 11.24
CA LYS A 341 -10.24 8.87 9.85
C LYS A 341 -10.92 9.89 8.94
N GLU A 342 -11.77 10.76 9.49
CA GLU A 342 -12.51 11.73 8.71
C GLU A 342 -11.99 13.15 8.85
N ARG A 343 -10.93 13.36 9.62
CA ARG A 343 -10.37 14.69 9.87
C ARG A 343 -8.96 14.85 9.36
N PHE A 344 -8.08 13.90 9.67
CA PHE A 344 -6.66 13.98 9.35
C PHE A 344 -6.29 12.90 8.33
N THR A 345 -5.05 12.97 7.86
CA THR A 345 -4.49 11.97 6.95
C THR A 345 -3.74 10.92 7.76
N ILE A 346 -3.13 9.96 7.06
CA ILE A 346 -2.35 8.96 7.77
C ILE A 346 -0.94 9.45 8.05
N GLN A 347 -0.37 10.28 7.16
CA GLN A 347 0.90 10.91 7.46
C GLN A 347 0.83 11.71 8.76
N GLN A 348 -0.23 12.52 8.90
CA GLN A 348 -0.36 13.36 10.08
C GLN A 348 -0.49 12.52 11.35
N LEU A 349 -1.25 11.42 11.28
CA LEU A 349 -1.42 10.59 12.47
C LEU A 349 -0.15 9.86 12.83
N GLN A 350 0.58 9.38 11.82
CA GLN A 350 1.87 8.75 12.09
C GLN A 350 2.90 9.73 12.62
N LEU A 351 2.72 11.02 12.33
CA LEU A 351 3.63 12.02 12.92
C LEU A 351 3.22 12.40 14.33
N TYR A 352 1.92 12.58 14.57
CA TYR A 352 1.45 12.96 15.90
C TYR A 352 1.66 11.84 16.90
N SER A 353 1.51 10.59 16.50
CA SER A 353 1.78 9.48 17.42
C SER A 353 3.24 9.45 17.83
N LEU A 354 4.15 9.73 16.89
CA LEU A 354 5.56 9.78 17.23
C LEU A 354 5.87 10.93 18.17
N ILE A 355 5.35 12.13 17.86
CA ILE A 355 5.57 13.26 18.75
C ILE A 355 5.01 12.97 20.14
N ALA A 356 3.85 12.32 20.18
CA ALA A 356 3.12 12.00 21.43
C ALA A 356 3.91 10.99 22.29
N THR A 357 4.53 9.99 21.66
CA THR A 357 5.29 8.97 22.43
C THR A 357 6.63 9.56 22.88
N VAL A 358 7.25 10.40 22.04
CA VAL A 358 8.57 11.01 22.36
C VAL A 358 8.41 12.05 23.48
N ILE A 359 7.23 12.67 23.57
CA ILE A 359 6.97 13.70 24.63
C ILE A 359 6.58 12.99 25.93
N GLY A 360 6.18 11.72 25.83
CA GLY A 360 5.75 10.94 27.01
C GLY A 360 6.90 10.15 27.63
N PHE A 361 8.05 10.07 26.95
CA PHE A 361 9.21 9.32 27.49
C PHE A 361 10.40 10.27 27.69
N LEU A 362 10.26 11.52 27.25
CA LEU A 362 11.35 12.53 27.37
C LEU A 362 11.58 12.86 28.85
N PRO A 363 10.56 13.28 29.61
CA PRO A 363 10.71 13.61 31.03
C PRO A 363 11.46 12.54 31.83
N ALA A 364 11.27 11.25 31.50
CA ALA A 364 11.92 10.17 32.22
C ALA A 364 13.33 9.94 31.69
N MET A 365 13.49 9.86 30.37
CA MET A 365 14.81 9.78 29.78
C MET A 365 15.75 10.84 30.34
N ILE A 366 15.28 12.08 30.45
CA ILE A 366 16.15 13.15 30.94
C ILE A 366 16.37 13.05 32.44
N MET A 367 15.37 12.61 33.21
CA MET A 367 15.58 12.44 34.63
C MET A 367 16.63 11.37 34.93
N THR A 368 16.71 10.35 34.08
CA THR A 368 17.79 9.36 34.25
C THR A 368 19.11 9.92 33.74
N LEU A 369 19.15 10.38 32.49
CA LEU A 369 20.36 10.92 31.91
C LEU A 369 20.96 12.06 32.73
N LEU A 370 20.19 12.63 33.67
CA LEU A 370 20.68 13.70 34.51
C LEU A 370 20.74 13.34 35.98
N HIS A 371 20.30 12.15 36.36
CA HIS A 371 20.32 11.70 37.76
C HIS A 371 20.22 10.19 37.78
N PRO A 372 21.23 9.48 37.27
CA PRO A 372 21.14 8.03 37.12
C PRO A 372 21.44 7.35 38.45
N LYS A 373 20.54 6.47 38.87
CA LYS A 373 20.74 5.69 40.08
C LYS A 373 19.99 4.38 39.93
N LYS A 374 20.19 3.48 40.90
CA LYS A 374 19.70 2.11 40.78
C LYS A 374 18.38 1.88 41.49
N HIS A 375 17.74 2.92 42.01
CA HIS A 375 16.40 2.78 42.56
C HIS A 375 15.34 3.39 41.67
N LEU A 376 15.72 4.12 40.63
CA LEU A 376 14.79 4.68 39.67
C LEU A 376 14.64 3.84 38.41
N LEU A 377 15.33 2.70 38.32
CA LEU A 377 15.26 1.91 37.10
C LEU A 377 13.87 1.40 36.81
N PRO A 378 13.18 0.72 37.73
CA PRO A 378 11.83 0.23 37.42
C PRO A 378 10.88 1.32 36.99
N TYR A 379 10.89 2.46 37.67
CA TYR A 379 9.92 3.50 37.37
C TYR A 379 10.19 4.14 36.02
N VAL A 380 11.46 4.41 35.70
CA VAL A 380 11.74 5.00 34.40
C VAL A 380 11.45 4.01 33.28
N LEU A 381 11.68 2.71 33.53
CA LEU A 381 11.34 1.72 32.53
C LEU A 381 9.83 1.67 32.29
N ILE A 382 9.03 1.73 33.35
CA ILE A 382 7.58 1.82 33.18
C ILE A 382 7.21 3.08 32.41
N ALA A 383 7.71 4.22 32.89
CA ALA A 383 7.41 5.55 32.29
C ALA A 383 7.70 5.56 30.80
N CYS A 384 8.72 4.82 30.34
CA CYS A 384 9.08 4.79 28.94
C CYS A 384 8.22 3.81 28.16
N SER A 385 8.14 2.55 28.63
CA SER A 385 7.44 1.52 27.87
C SER A 385 5.94 1.77 27.82
N MET A 386 5.33 2.19 28.93
CA MET A 386 3.91 2.47 28.92
C MET A 386 3.58 3.65 28.01
N SER A 387 4.53 4.59 27.92
CA SER A 387 4.37 5.77 27.03
C SER A 387 4.36 5.26 25.59
N PHE A 388 5.25 4.30 25.27
CA PHE A 388 5.25 3.70 23.94
C PHE A 388 3.97 2.96 23.65
N PHE A 389 3.37 2.35 24.68
CA PHE A 389 2.16 1.55 24.48
C PHE A 389 0.92 2.43 24.30
N LEU A 390 0.83 3.53 25.04
CA LEU A 390 -0.41 4.31 25.04
C LEU A 390 -0.56 5.11 23.75
N PHE A 391 0.53 5.69 23.24
CA PHE A 391 0.45 6.67 22.16
C PHE A 391 1.01 6.18 20.84
N SER A 392 1.36 4.89 20.73
CA SER A 392 1.88 4.38 19.48
C SER A 392 0.76 4.30 18.44
N PHE A 393 1.14 4.48 17.18
CA PHE A 393 0.17 4.41 16.10
C PHE A 393 -0.41 3.00 15.99
N GLN A 394 0.45 1.98 16.02
CA GLN A 394 0.03 0.58 15.89
C GLN A 394 0.47 -0.18 17.13
N VAL A 395 -0.49 -0.44 18.04
CA VAL A 395 -0.30 -1.28 19.20
C VAL A 395 -1.32 -2.40 19.11
N HIS A 396 -1.05 -3.50 19.79
CA HIS A 396 -1.95 -4.64 19.76
C HIS A 396 -2.34 -5.04 21.18
N GLU A 397 -3.25 -6.02 21.27
CA GLU A 397 -3.75 -6.47 22.56
C GLU A 397 -2.60 -6.85 23.48
N LYS A 398 -1.65 -7.62 22.97
CA LYS A 398 -0.40 -7.89 23.69
C LYS A 398 0.47 -6.66 23.57
N THR A 399 1.75 -6.78 23.92
CA THR A 399 2.65 -5.64 24.05
C THR A 399 2.44 -4.90 25.36
N ILE A 400 1.46 -5.31 26.17
CA ILE A 400 1.42 -4.88 27.57
C ILE A 400 2.31 -5.75 28.44
N LEU A 401 2.92 -6.78 27.87
CA LEU A 401 3.90 -7.55 28.61
C LEU A 401 5.19 -6.77 28.76
N ILE A 402 5.49 -5.90 27.81
CA ILE A 402 6.66 -5.04 27.85
C ILE A 402 6.52 -4.08 29.02
N PRO A 403 5.41 -3.34 29.14
CA PRO A 403 5.19 -2.55 30.35
C PRO A 403 4.99 -3.37 31.61
N LEU A 404 4.73 -4.68 31.49
CA LEU A 404 4.48 -5.50 32.67
C LEU A 404 5.73 -6.14 33.24
N LEU A 405 6.81 -6.24 32.46
CA LEU A 405 8.07 -6.70 33.02
C LEU A 405 8.54 -5.79 34.16
N PRO A 406 8.80 -4.50 33.92
CA PRO A 406 9.17 -3.62 35.03
C PRO A 406 8.11 -3.54 36.12
N ILE A 407 6.83 -3.53 35.75
CA ILE A 407 5.78 -3.50 36.77
C ILE A 407 5.92 -4.69 37.70
N THR A 408 5.83 -5.89 37.15
CA THR A 408 5.94 -7.09 37.99
C THR A 408 7.24 -7.10 38.78
N LEU A 409 8.31 -6.53 38.24
CA LEU A 409 9.54 -6.43 39.02
C LEU A 409 9.33 -5.69 40.33
N LEU A 410 8.32 -4.85 40.42
CA LEU A 410 8.02 -4.11 41.64
C LEU A 410 7.26 -4.94 42.66
N TYR A 411 7.14 -6.24 42.45
CA TYR A 411 6.56 -7.12 43.46
C TYR A 411 7.52 -7.38 44.61
N SER A 412 8.73 -6.85 44.54
CA SER A 412 9.71 -6.96 45.60
C SER A 412 9.82 -5.68 46.42
N SER A 413 9.01 -4.67 46.12
CA SER A 413 8.98 -3.46 46.93
C SER A 413 8.58 -3.80 48.36
N THR A 414 8.73 -2.81 49.24
CA THR A 414 8.42 -2.99 50.65
C THR A 414 7.09 -2.36 51.05
N ASP A 415 6.66 -1.31 50.34
CA ASP A 415 5.43 -0.64 50.70
C ASP A 415 4.23 -1.56 50.47
N TRP A 416 3.06 -1.09 50.87
CA TRP A 416 1.81 -1.77 50.55
C TRP A 416 1.02 -1.07 49.47
N ASN A 417 1.16 0.24 49.35
CA ASN A 417 0.55 0.94 48.22
C ASN A 417 1.14 0.46 46.91
N VAL A 418 2.46 0.24 46.88
CA VAL A 418 3.11 -0.22 45.66
C VAL A 418 2.60 -1.61 45.28
N LEU A 419 2.53 -2.51 46.26
CA LEU A 419 2.09 -3.87 45.96
C LEU A 419 0.62 -3.91 45.59
N SER A 420 -0.20 -3.03 46.17
CA SER A 420 -1.62 -2.99 45.81
C SER A 420 -1.80 -2.49 44.38
N LEU A 421 -1.12 -1.40 44.03
CA LEU A 421 -1.15 -0.92 42.66
C LEU A 421 -0.66 -2.00 41.70
N VAL A 422 0.36 -2.75 42.09
CA VAL A 422 0.91 -3.77 41.20
C VAL A 422 -0.10 -4.88 40.96
N SER A 423 -0.67 -5.41 42.04
CA SER A 423 -1.67 -6.47 41.87
C SER A 423 -2.85 -5.99 41.04
N TRP A 424 -3.33 -4.77 41.31
CA TRP A 424 -4.46 -4.23 40.57
C TRP A 424 -4.15 -4.11 39.09
N ILE A 425 -2.97 -3.61 38.74
CA ILE A 425 -2.66 -3.44 37.33
C ILE A 425 -2.43 -4.78 36.67
N ASN A 426 -1.97 -5.79 37.42
CA ASN A 426 -1.87 -7.12 36.85
C ASN A 426 -3.25 -7.69 36.54
N ASN A 427 -4.22 -7.52 37.44
CA ASN A 427 -5.58 -7.94 37.15
C ASN A 427 -6.13 -7.23 35.93
N VAL A 428 -5.93 -5.91 35.84
CA VAL A 428 -6.45 -5.17 34.69
C VAL A 428 -5.78 -5.62 33.39
N ALA A 429 -4.47 -5.86 33.43
CA ALA A 429 -3.76 -6.30 32.25
C ALA A 429 -4.27 -7.65 31.77
N LEU A 430 -4.50 -8.58 32.71
CA LEU A 430 -5.10 -9.85 32.32
C LEU A 430 -6.49 -9.64 31.74
N PHE A 431 -7.28 -8.76 32.36
CA PHE A 431 -8.66 -8.54 31.92
C PHE A 431 -8.71 -8.00 30.50
N THR A 432 -7.78 -7.13 30.12
CA THR A 432 -7.82 -6.62 28.76
C THR A 432 -7.42 -7.67 27.72
N LEU A 433 -7.11 -8.89 28.14
CA LEU A 433 -6.76 -9.97 27.22
C LEU A 433 -7.86 -11.01 27.07
N TRP A 434 -9.01 -10.81 27.72
CA TRP A 434 -10.11 -11.75 27.59
C TRP A 434 -10.61 -11.87 26.16
N PRO A 435 -10.78 -10.80 25.39
CA PRO A 435 -11.22 -10.96 23.99
C PRO A 435 -10.32 -11.85 23.17
N LEU A 436 -9.01 -11.83 23.43
CA LEU A 436 -8.08 -12.64 22.67
C LEU A 436 -8.08 -14.09 23.16
N LEU A 437 -8.10 -14.29 24.47
CA LEU A 437 -8.13 -15.63 25.05
C LEU A 437 -9.51 -16.24 25.02
N LYS A 438 -10.49 -15.57 24.42
CA LYS A 438 -11.83 -16.14 24.34
C LYS A 438 -12.12 -16.74 22.98
N LYS A 439 -11.40 -16.34 21.95
CA LYS A 439 -11.56 -16.92 20.63
C LYS A 439 -10.63 -18.09 20.38
N ASP A 440 -9.75 -18.41 21.32
CA ASP A 440 -8.85 -19.55 21.24
C ASP A 440 -9.28 -20.69 22.16
N GLY A 441 -10.50 -20.62 22.69
CA GLY A 441 -10.87 -21.47 23.80
C GLY A 441 -10.39 -20.81 25.08
N LEU A 442 -9.76 -21.58 25.96
CA LEU A 442 -9.05 -21.00 27.10
C LEU A 442 -9.99 -20.25 28.04
N HIS A 443 -11.22 -20.74 28.15
CA HIS A 443 -12.13 -20.17 29.13
C HIS A 443 -11.83 -20.69 30.53
N LEU A 444 -11.42 -21.95 30.64
CA LEU A 444 -11.13 -22.55 31.93
C LEU A 444 -9.77 -22.10 32.47
N GLN A 445 -8.76 -22.07 31.61
CA GLN A 445 -7.42 -21.66 32.05
C GLN A 445 -7.41 -20.20 32.47
N TYR A 446 -8.08 -19.34 31.69
CA TYR A 446 -8.19 -17.94 32.07
C TYR A 446 -8.69 -17.79 33.51
N ALA A 447 -9.80 -18.48 33.83
CA ALA A 447 -10.37 -18.35 35.16
C ALA A 447 -9.49 -18.98 36.24
N VAL A 448 -8.88 -20.13 35.94
CA VAL A 448 -8.08 -20.81 36.96
C VAL A 448 -6.86 -19.98 37.30
N SER A 449 -6.18 -19.43 36.30
CA SER A 449 -5.04 -18.56 36.58
C SER A 449 -5.47 -17.27 37.27
N PHE A 450 -6.54 -16.64 36.76
CA PHE A 450 -7.06 -15.42 37.36
C PHE A 450 -7.37 -15.63 38.84
N LEU A 451 -7.80 -16.83 39.22
CA LEU A 451 -8.13 -17.11 40.61
C LEU A 451 -6.89 -17.45 41.43
N LEU A 452 -6.03 -18.32 40.90
CA LEU A 452 -4.87 -18.78 41.66
C LEU A 452 -3.90 -17.64 41.94
N SER A 453 -3.57 -16.86 40.91
CA SER A 453 -2.65 -15.75 41.09
C SER A 453 -3.12 -14.82 42.21
N ASN A 454 -4.40 -14.43 42.18
CA ASN A 454 -4.93 -13.57 43.23
C ASN A 454 -4.96 -14.27 44.57
N TRP A 455 -5.20 -15.59 44.59
CA TRP A 455 -5.31 -16.31 45.84
C TRP A 455 -3.98 -16.34 46.58
N LEU A 456 -2.93 -16.85 45.95
CA LEU A 456 -1.71 -17.00 46.73
C LEU A 456 -1.06 -15.68 47.08
N ILE A 457 -1.39 -14.59 46.39
CA ILE A 457 -0.94 -13.27 46.81
C ILE A 457 -1.50 -12.87 48.17
N GLY A 458 -2.71 -13.30 48.49
CA GLY A 458 -3.44 -12.79 49.63
C GLY A 458 -4.59 -11.88 49.29
N ASN A 459 -5.00 -11.83 48.02
CA ASN A 459 -6.08 -10.94 47.61
C ASN A 459 -7.45 -11.49 47.94
N PHE A 460 -7.52 -12.71 48.49
CA PHE A 460 -8.78 -13.28 48.94
C PHE A 460 -8.88 -13.32 50.46
N SER A 461 -7.88 -12.82 51.17
CA SER A 461 -7.93 -12.78 52.63
C SER A 461 -8.37 -11.40 53.11
N LEU A 490 -6.29 -4.38 51.52
CA LEU A 490 -5.73 -5.02 50.33
C LEU A 490 -5.58 -4.03 49.19
N LEU A 491 -6.00 -2.79 49.44
CA LEU A 491 -5.95 -1.72 48.46
C LEU A 491 -5.03 -0.62 48.96
N PRO A 492 -4.65 0.32 48.10
CA PRO A 492 -3.85 1.45 48.56
C PRO A 492 -4.57 2.18 49.68
N TYR A 493 -3.87 3.10 50.32
CA TYR A 493 -4.49 3.79 51.45
C TYR A 493 -4.95 5.18 51.05
N ASN A 494 -6.26 5.30 50.87
CA ASN A 494 -6.92 6.59 50.65
C ASN A 494 -8.41 6.32 50.49
N VAL A 495 -9.22 7.37 50.37
CA VAL A 495 -10.61 7.16 50.00
C VAL A 495 -10.78 7.29 48.49
N VAL A 496 -9.86 7.98 47.83
CA VAL A 496 -9.97 8.19 46.40
C VAL A 496 -9.23 7.13 45.60
N TRP A 497 -8.46 6.28 46.28
CA TRP A 497 -7.81 5.14 45.65
C TRP A 497 -8.61 3.86 45.79
N LYS A 498 -9.02 3.53 47.02
CA LYS A 498 -9.82 2.33 47.23
C LYS A 498 -11.11 2.38 46.42
N SER A 499 -11.75 3.55 46.37
CA SER A 499 -12.99 3.67 45.62
C SER A 499 -12.77 3.45 44.13
N PHE A 500 -11.73 4.05 43.56
CA PHE A 500 -11.48 3.88 42.14
C PHE A 500 -11.10 2.44 41.81
N ILE A 501 -10.35 1.79 42.68
CA ILE A 501 -9.97 0.40 42.42
C ILE A 501 -11.19 -0.51 42.48
N ILE A 502 -12.04 -0.33 43.50
CA ILE A 502 -13.24 -1.14 43.59
C ILE A 502 -14.18 -0.85 42.43
N GLY A 503 -14.21 0.39 41.95
CA GLY A 503 -15.03 0.69 40.79
C GLY A 503 -14.52 0.01 39.53
N THR A 504 -13.20 -0.04 39.36
CA THR A 504 -12.64 -0.77 38.23
C THR A 504 -12.99 -2.25 38.31
N TYR A 505 -12.95 -2.84 39.51
CA TYR A 505 -13.35 -4.23 39.63
C TYR A 505 -14.82 -4.42 39.33
N ILE A 506 -15.67 -3.52 39.80
CA ILE A 506 -17.11 -3.64 39.56
C ILE A 506 -17.42 -3.49 38.08
N ALA A 507 -16.67 -2.65 37.36
CA ALA A 507 -16.88 -2.52 35.93
C ALA A 507 -16.19 -3.59 35.12
N MET A 508 -15.30 -4.37 35.74
CA MET A 508 -14.85 -5.62 35.13
C MET A 508 -15.93 -6.69 35.27
N GLY A 509 -16.34 -6.98 36.50
CA GLY A 509 -17.34 -7.99 36.76
C GLY A 509 -18.68 -7.74 36.09
N PHE A 510 -18.86 -6.60 35.44
CA PHE A 510 -20.08 -6.31 34.70
C PHE A 510 -19.85 -6.37 33.20
N TYR A 511 -18.66 -6.72 32.76
CA TYR A 511 -18.43 -7.04 31.36
C TYR A 511 -18.49 -8.54 31.10
N HIS A 512 -18.15 -9.36 32.10
CA HIS A 512 -18.34 -10.80 32.02
C HIS A 512 -19.77 -11.21 32.32
N PHE A 513 -20.69 -10.23 32.35
CA PHE A 513 -22.11 -10.49 32.46
C PHE A 513 -22.90 -9.89 31.32
N LEU A 514 -22.42 -8.80 30.73
CA LEU A 514 -22.96 -8.31 29.47
C LEU A 514 -22.35 -9.02 28.28
N ASP A 515 -21.32 -9.84 28.50
CA ASP A 515 -20.68 -10.57 27.43
C ASP A 515 -21.25 -11.97 27.27
N GLN A 516 -21.54 -12.63 28.39
CA GLN A 516 -22.08 -13.99 28.35
C GLN A 516 -23.57 -14.00 28.03
N PHE A 517 -24.36 -13.24 28.79
CA PHE A 517 -25.82 -13.39 28.75
C PHE A 517 -26.48 -12.44 27.76
N VAL A 518 -26.33 -11.14 27.96
CA VAL A 518 -27.05 -10.17 27.14
C VAL A 518 -26.33 -9.97 25.81
N ALA A 519 -27.09 -9.96 24.72
CA ALA A 519 -26.65 -9.83 23.34
C ALA A 519 -26.48 -8.36 22.97
N PRO A 520 -25.48 -8.06 22.14
CA PRO A 520 -25.22 -6.67 21.78
C PRO A 520 -26.47 -6.00 21.22
N PRO A 521 -26.50 -4.68 21.17
CA PRO A 521 -27.73 -3.98 20.78
C PRO A 521 -28.22 -4.32 19.38
N SER A 522 -27.45 -5.05 18.59
CA SER A 522 -27.77 -5.40 17.21
C SER A 522 -27.68 -4.19 16.28
N LYS A 523 -27.48 -2.99 16.83
CA LYS A 523 -27.19 -1.80 16.04
C LYS A 523 -25.82 -1.24 16.35
N TYR A 524 -25.14 -1.77 17.36
CA TYR A 524 -23.73 -1.49 17.63
C TYR A 524 -23.09 -2.86 17.84
N PRO A 525 -22.74 -3.55 16.75
CA PRO A 525 -22.43 -4.99 16.88
C PRO A 525 -21.41 -5.32 17.96
N ASP A 526 -20.29 -4.60 18.00
CA ASP A 526 -19.26 -4.82 19.00
C ASP A 526 -19.26 -3.65 19.97
N LEU A 527 -20.12 -3.73 20.97
CA LEU A 527 -20.21 -2.70 22.00
C LEU A 527 -19.57 -3.11 23.31
N TRP A 528 -19.46 -4.42 23.57
CA TRP A 528 -18.76 -4.86 24.76
C TRP A 528 -17.25 -4.85 24.55
N VAL A 529 -16.79 -5.17 23.34
CA VAL A 529 -15.37 -5.09 23.04
C VAL A 529 -14.87 -3.66 23.21
N LEU A 530 -15.71 -2.67 22.90
CA LEU A 530 -15.29 -1.29 23.05
C LEU A 530 -15.29 -0.88 24.51
N LEU A 531 -16.27 -1.35 25.29
CA LEU A 531 -16.20 -1.14 26.73
C LEU A 531 -14.94 -1.75 27.31
N ASN A 532 -14.44 -2.84 26.71
CA ASN A 532 -13.20 -3.43 27.18
C ASN A 532 -11.98 -2.60 26.77
N CYS A 533 -11.91 -2.18 25.51
CA CYS A 533 -10.83 -1.27 25.10
C CYS A 533 -10.83 -0.01 25.96
N ALA A 534 -11.99 0.41 26.46
CA ALA A 534 -12.10 1.69 27.14
C ALA A 534 -11.93 1.63 28.65
N VAL A 535 -12.34 0.53 29.30
CA VAL A 535 -12.22 0.44 30.76
C VAL A 535 -10.81 0.05 31.19
N GLY A 536 -9.93 -0.29 30.26
CA GLY A 536 -8.56 -0.59 30.57
C GLY A 536 -7.66 0.60 30.36
N PHE A 537 -8.01 1.45 29.41
CA PHE A 537 -7.20 2.64 29.13
C PHE A 537 -7.16 3.57 30.34
N ILE A 538 -8.30 3.76 31.00
CA ILE A 538 -8.33 4.62 32.18
C ILE A 538 -7.35 4.12 33.22
N CYS A 539 -7.36 2.82 33.49
CA CYS A 539 -6.49 2.27 34.53
C CYS A 539 -5.02 2.35 34.12
N PHE A 540 -4.72 2.06 32.85
CA PHE A 540 -3.34 2.14 32.40
C PHE A 540 -2.82 3.57 32.47
N SER A 541 -3.63 4.54 32.05
CA SER A 541 -3.21 5.93 32.06
C SER A 541 -3.24 6.56 33.44
N ILE A 542 -3.87 5.92 34.43
CA ILE A 542 -3.69 6.40 35.80
C ILE A 542 -2.44 5.78 36.42
N PHE A 543 -2.18 4.51 36.14
CA PHE A 543 -0.94 3.91 36.65
C PHE A 543 0.28 4.59 36.06
N TRP A 544 0.17 4.97 34.78
CA TRP A 544 1.27 5.66 34.06
C TRP A 544 1.62 6.97 34.79
N LEU A 545 0.60 7.77 35.10
CA LEU A 545 0.81 9.02 35.82
C LEU A 545 1.26 8.80 37.24
N TRP A 546 0.82 7.71 37.88
CA TRP A 546 1.34 7.39 39.20
C TRP A 546 2.84 7.12 39.14
N SER A 547 3.30 6.45 38.09
CA SER A 547 4.74 6.20 37.95
C SER A 547 5.50 7.49 37.70
N TYR A 548 4.90 8.38 36.91
CA TYR A 548 5.53 9.70 36.62
C TYR A 548 5.59 10.51 37.92
N TYR A 549 4.65 10.26 38.84
CA TYR A 549 4.69 10.92 40.14
C TYR A 549 5.78 10.32 41.02
N LYS A 550 5.91 8.99 41.01
CA LYS A 550 6.93 8.33 41.81
C LYS A 550 8.34 8.73 41.36
N ILE A 551 8.52 9.00 40.06
CA ILE A 551 9.84 9.38 39.57
C ILE A 551 10.31 10.67 40.23
N PHE A 552 9.43 11.64 40.38
CA PHE A 552 9.81 12.97 40.87
C PHE A 552 9.66 13.12 42.37
N THR A 553 8.60 12.59 42.98
CA THR A 553 8.49 12.64 44.43
C THR A 553 9.59 11.82 45.08
N SER A 554 9.84 10.62 44.56
CA SER A 554 11.02 9.85 44.94
C SER A 554 12.22 10.44 44.18
N GLY A 555 13.34 9.71 44.17
CA GLY A 555 14.52 10.29 43.57
C GLY A 555 14.92 11.57 44.25
N SER A 556 14.81 11.61 45.57
CA SER A 556 15.15 12.79 46.36
C SER A 556 16.19 12.40 47.40
N LYS A 557 17.25 11.75 46.94
CA LYS A 557 18.19 11.08 47.83
C LYS A 557 17.48 9.92 48.54
N SER A 558 16.51 9.35 47.84
CA SER A 558 15.65 8.32 48.39
C SER A 558 16.46 7.07 48.75
N MET A 559 15.77 6.12 49.36
CA MET A 559 16.46 5.03 50.05
C MET A 559 17.26 4.18 49.09
N LYS A 560 16.59 3.51 48.16
CA LYS A 560 17.03 2.28 47.50
C LYS A 560 16.66 1.10 48.40
N ASP A 561 16.08 1.35 49.57
CA ASP A 561 15.53 0.33 50.43
C ASP A 561 14.00 0.37 50.45
N LEU A 562 13.39 1.18 49.59
CA LEU A 562 11.95 1.34 49.56
C LEU A 562 11.38 0.88 48.22
N VAL B 5 18.98 4.32 -15.37
CA VAL B 5 17.78 3.69 -14.82
C VAL B 5 16.68 3.68 -15.89
N GLN B 6 16.27 2.49 -16.29
CA GLN B 6 15.28 2.37 -17.36
C GLN B 6 14.61 1.02 -17.30
N LEU B 7 13.28 1.02 -17.37
CA LEU B 7 12.49 -0.20 -17.47
C LEU B 7 12.25 -0.52 -18.94
N VAL B 8 11.95 -1.78 -19.23
CA VAL B 8 11.67 -2.19 -20.60
C VAL B 8 10.61 -3.28 -20.60
N GLU B 9 9.50 -3.03 -21.30
CA GLU B 9 8.49 -4.05 -21.46
C GLU B 9 8.89 -5.03 -22.56
N SER B 10 8.21 -6.18 -22.56
CA SER B 10 8.43 -7.18 -23.61
C SER B 10 7.33 -8.22 -23.54
N GLY B 11 6.79 -8.59 -24.69
CA GLY B 11 5.78 -9.62 -24.76
C GLY B 11 4.39 -9.03 -24.83
N GLY B 12 3.79 -9.02 -26.01
CA GLY B 12 2.44 -8.51 -26.17
C GLY B 12 2.06 -8.37 -27.62
N GLY B 13 0.86 -8.80 -27.97
CA GLY B 13 0.43 -8.71 -29.35
C GLY B 13 -0.89 -9.40 -29.56
N LEU B 14 -1.20 -9.65 -30.83
CA LEU B 14 -2.49 -10.20 -31.21
C LEU B 14 -2.70 -11.53 -30.49
N VAL B 15 -3.68 -11.56 -29.59
CA VAL B 15 -4.08 -12.77 -28.89
C VAL B 15 -5.57 -12.94 -29.01
N GLN B 16 -6.01 -14.14 -29.39
CA GLN B 16 -7.43 -14.40 -29.53
C GLN B 16 -8.15 -14.17 -28.21
N PRO B 17 -9.41 -13.73 -28.24
CA PRO B 17 -10.14 -13.49 -26.99
C PRO B 17 -10.37 -14.78 -26.24
N GLY B 18 -9.71 -14.93 -25.10
CA GLY B 18 -9.70 -16.18 -24.35
C GLY B 18 -8.32 -16.75 -24.11
N GLY B 19 -7.33 -16.38 -24.91
CA GLY B 19 -5.96 -16.83 -24.70
C GLY B 19 -5.37 -16.23 -23.44
N SER B 20 -4.03 -16.21 -23.39
CA SER B 20 -3.34 -15.67 -22.24
C SER B 20 -2.02 -15.06 -22.69
N LEU B 21 -1.47 -14.20 -21.84
CA LEU B 21 -0.25 -13.48 -22.15
C LEU B 21 0.60 -13.33 -20.90
N ARG B 22 1.91 -13.29 -21.11
CA ARG B 22 2.89 -13.05 -20.06
C ARG B 22 3.70 -11.82 -20.45
N LEU B 23 3.45 -10.70 -19.78
CA LEU B 23 4.18 -9.48 -20.00
C LEU B 23 5.37 -9.42 -19.05
N SER B 24 6.55 -9.14 -19.60
CA SER B 24 7.76 -9.01 -18.81
C SER B 24 8.20 -7.56 -18.77
N CYS B 25 8.73 -7.15 -17.63
CA CYS B 25 9.23 -5.79 -17.41
C CYS B 25 10.61 -5.92 -16.77
N ALA B 26 11.65 -5.68 -17.57
CA ALA B 26 13.02 -5.76 -17.10
C ALA B 26 13.45 -4.42 -16.52
N ALA B 27 13.95 -4.45 -15.29
CA ALA B 27 14.45 -3.28 -14.59
C ALA B 27 15.95 -3.15 -14.83
N SER B 28 16.43 -1.90 -14.82
CA SER B 28 17.85 -1.64 -15.06
C SER B 28 18.21 -0.32 -14.42
N GLY B 29 19.04 -0.36 -13.40
CA GLY B 29 19.47 0.83 -12.68
C GLY B 29 18.96 0.93 -11.27
N PHE B 30 18.12 -0.01 -10.82
CA PHE B 30 17.58 0.02 -9.47
C PHE B 30 17.09 -1.38 -9.13
N ASN B 31 16.90 -1.62 -7.85
CA ASN B 31 16.46 -2.91 -7.36
C ASN B 31 14.94 -2.93 -7.25
N VAL B 32 14.31 -3.93 -7.85
CA VAL B 32 12.85 -4.04 -7.79
C VAL B 32 12.36 -4.72 -6.53
N TYR B 33 13.29 -5.19 -5.69
CA TYR B 33 12.88 -5.84 -4.42
C TYR B 33 12.55 -4.77 -3.37
N SER B 34 12.55 -3.49 -3.77
CA SER B 34 12.25 -2.42 -2.84
C SER B 34 11.41 -1.30 -3.45
N SER B 35 10.77 -1.53 -4.59
CA SER B 35 10.19 -0.43 -5.35
C SER B 35 8.69 -0.53 -5.59
N SER B 36 8.03 -1.61 -5.20
CA SER B 36 6.55 -1.67 -5.22
C SER B 36 6.01 -1.40 -6.63
N ILE B 37 6.33 -2.31 -7.54
CA ILE B 37 5.94 -2.14 -8.93
C ILE B 37 4.42 -2.04 -9.08
N HIS B 38 3.97 -1.41 -10.17
CA HIS B 38 2.58 -1.30 -10.54
C HIS B 38 2.48 -1.50 -12.04
N TRP B 39 1.36 -2.04 -12.50
CA TRP B 39 1.05 -2.06 -13.92
C TRP B 39 -0.14 -1.17 -14.18
N VAL B 40 -0.17 -0.53 -15.34
CA VAL B 40 -1.18 0.48 -15.64
C VAL B 40 -1.44 0.48 -17.13
N ARG B 41 -2.69 0.37 -17.53
CA ARG B 41 -3.01 0.34 -18.95
C ARG B 41 -3.70 1.63 -19.37
N GLN B 42 -3.48 1.99 -20.63
CA GLN B 42 -4.17 3.09 -21.28
C GLN B 42 -4.87 2.54 -22.50
N ALA B 43 -6.20 2.56 -22.50
CA ALA B 43 -6.92 2.01 -23.64
C ALA B 43 -6.88 3.00 -24.80
N PRO B 44 -7.15 2.52 -26.02
CA PRO B 44 -7.03 3.40 -27.19
C PRO B 44 -8.11 4.46 -27.21
N GLY B 45 -7.74 5.70 -26.92
CA GLY B 45 -8.71 6.77 -26.75
C GLY B 45 -9.36 6.82 -25.39
N LYS B 46 -8.59 6.72 -24.31
CA LYS B 46 -9.14 6.78 -22.96
C LYS B 46 -8.12 7.38 -22.01
N GLY B 47 -8.37 7.24 -20.70
CA GLY B 47 -7.48 7.76 -19.68
C GLY B 47 -6.72 6.64 -18.97
N LEU B 48 -5.62 7.03 -18.35
CA LEU B 48 -4.77 6.06 -17.68
C LEU B 48 -5.56 5.31 -16.61
N GLU B 49 -5.42 3.99 -16.61
CA GLU B 49 -6.14 3.12 -15.69
C GLU B 49 -5.16 2.18 -15.00
N TRP B 50 -5.49 1.78 -13.78
CA TRP B 50 -4.63 0.96 -12.94
C TRP B 50 -5.17 -0.47 -12.90
N VAL B 51 -4.26 -1.45 -12.90
CA VAL B 51 -4.64 -2.86 -13.04
C VAL B 51 -4.15 -3.70 -11.86
N ALA B 52 -2.87 -3.61 -11.52
CA ALA B 52 -2.33 -4.55 -10.55
C ALA B 52 -1.09 -3.98 -9.86
N SER B 53 -0.83 -4.49 -8.66
CA SER B 53 0.27 -4.01 -7.83
C SER B 53 1.06 -5.17 -7.25
N ILE B 54 2.24 -4.85 -6.73
CA ILE B 54 3.07 -5.79 -5.98
C ILE B 54 4.05 -4.98 -5.13
N SER B 55 4.15 -5.31 -3.85
CA SER B 55 4.90 -4.48 -2.90
C SER B 55 6.35 -4.92 -2.76
N SER B 56 6.63 -6.22 -2.74
CA SER B 56 7.98 -6.77 -2.83
C SER B 56 8.81 -6.65 -1.56
N TYR B 57 8.33 -5.89 -0.57
CA TYR B 57 8.84 -6.03 0.78
C TYR B 57 7.98 -6.96 1.61
N SER B 58 6.73 -7.16 1.21
CA SER B 58 5.87 -8.15 1.81
C SER B 58 5.02 -8.89 0.78
N GLY B 59 5.23 -8.65 -0.50
CA GLY B 59 4.47 -9.35 -1.53
C GLY B 59 2.98 -9.19 -1.45
N TYR B 60 2.50 -8.02 -1.02
CA TYR B 60 1.07 -7.74 -1.05
C TYR B 60 0.67 -7.36 -2.47
N THR B 61 -0.20 -8.16 -3.09
CA THR B 61 -0.71 -7.82 -4.40
C THR B 61 -2.07 -7.13 -4.29
N SER B 62 -2.54 -6.58 -5.40
CA SER B 62 -3.81 -5.89 -5.44
C SER B 62 -4.18 -5.62 -6.90
N TYR B 63 -5.46 -5.76 -7.21
CA TYR B 63 -5.92 -5.71 -8.59
C TYR B 63 -7.11 -4.77 -8.72
N ALA B 64 -7.36 -4.34 -9.95
CA ALA B 64 -8.57 -3.61 -10.27
C ALA B 64 -9.70 -4.60 -10.54
N ASP B 65 -10.86 -4.33 -9.95
CA ASP B 65 -11.97 -5.27 -10.06
C ASP B 65 -12.25 -5.69 -11.49
N SER B 66 -11.93 -4.84 -12.47
CA SER B 66 -12.07 -5.24 -13.87
C SER B 66 -11.27 -6.51 -14.15
N VAL B 67 -10.09 -6.63 -13.56
CA VAL B 67 -9.16 -7.71 -13.84
C VAL B 67 -8.90 -8.58 -12.62
N LYS B 68 -9.85 -8.70 -11.72
CA LYS B 68 -9.68 -9.59 -10.58
C LYS B 68 -10.04 -11.01 -10.97
N GLY B 69 -9.29 -11.98 -10.45
CA GLY B 69 -9.49 -13.37 -10.78
C GLY B 69 -9.06 -13.77 -12.17
N ARG B 70 -8.44 -12.88 -12.92
CA ARG B 70 -7.92 -13.20 -14.25
C ARG B 70 -6.48 -12.78 -14.46
N PHE B 71 -5.92 -11.94 -13.60
CA PHE B 71 -4.55 -11.47 -13.72
C PHE B 71 -3.75 -11.93 -12.50
N THR B 72 -2.46 -12.18 -12.73
CA THR B 72 -1.56 -12.62 -11.65
C THR B 72 -0.22 -11.95 -11.85
N ILE B 73 0.15 -11.07 -10.93
CA ILE B 73 1.36 -10.28 -11.03
C ILE B 73 2.38 -10.80 -10.03
N SER B 74 3.65 -10.82 -10.42
CA SER B 74 4.72 -11.25 -9.54
C SER B 74 6.02 -10.58 -9.96
N ALA B 75 7.09 -10.85 -9.21
CA ALA B 75 8.38 -10.26 -9.48
C ALA B 75 9.48 -11.28 -9.24
N ASP B 76 10.27 -11.56 -10.27
CA ASP B 76 11.50 -12.31 -10.12
C ASP B 76 12.53 -11.39 -9.46
N THR B 77 12.79 -11.62 -8.17
CA THR B 77 13.60 -10.72 -7.37
C THR B 77 15.09 -10.88 -7.65
N SER B 78 15.53 -12.07 -8.03
CA SER B 78 16.95 -12.30 -8.25
C SER B 78 17.44 -11.55 -9.49
N LYS B 79 16.74 -11.70 -10.61
CA LYS B 79 17.15 -11.07 -11.85
C LYS B 79 16.50 -9.70 -12.07
N ASN B 80 15.80 -9.18 -11.08
CA ASN B 80 15.19 -7.85 -11.15
C ASN B 80 14.24 -7.75 -12.34
N THR B 81 13.16 -8.52 -12.29
CA THR B 81 12.18 -8.52 -13.36
C THR B 81 10.78 -8.58 -12.75
N ALA B 82 9.79 -8.08 -13.49
CA ALA B 82 8.40 -8.16 -13.09
C ALA B 82 7.59 -8.84 -14.17
N TYR B 83 6.56 -9.58 -13.77
CA TYR B 83 5.76 -10.38 -14.67
C TYR B 83 4.28 -10.16 -14.41
N LEU B 84 3.51 -10.07 -15.50
CA LEU B 84 2.05 -10.05 -15.42
C LEU B 84 1.52 -11.20 -16.26
N GLN B 85 0.57 -11.95 -15.72
CA GLN B 85 -0.07 -13.05 -16.42
C GLN B 85 -1.56 -12.74 -16.59
N MET B 86 -2.01 -12.68 -17.85
CA MET B 86 -3.41 -12.50 -18.18
C MET B 86 -3.95 -13.81 -18.72
N ASN B 87 -5.09 -14.27 -18.20
CA ASN B 87 -5.58 -15.61 -18.45
C ASN B 87 -6.85 -15.67 -19.29
N SER B 88 -7.92 -14.98 -18.89
CA SER B 88 -9.14 -15.05 -19.68
C SER B 88 -9.12 -14.12 -20.87
N LEU B 89 -8.61 -12.90 -20.70
CA LEU B 89 -8.38 -11.97 -21.80
C LEU B 89 -9.68 -11.65 -22.54
N ARG B 90 -10.58 -11.00 -21.81
CA ARG B 90 -11.77 -10.41 -22.42
C ARG B 90 -11.36 -9.45 -23.53
N ALA B 91 -12.34 -9.13 -24.39
CA ALA B 91 -12.05 -8.24 -25.51
C ALA B 91 -11.82 -6.81 -25.07
N GLU B 92 -12.37 -6.39 -23.94
CA GLU B 92 -12.18 -5.03 -23.44
C GLU B 92 -10.87 -4.92 -22.65
N ASP B 93 -9.78 -5.39 -23.27
CA ASP B 93 -8.46 -5.32 -22.66
C ASP B 93 -7.38 -4.82 -23.58
N THR B 94 -7.66 -4.63 -24.87
CA THR B 94 -6.69 -4.00 -25.76
C THR B 94 -6.26 -2.69 -25.15
N ALA B 95 -4.96 -2.43 -25.15
CA ALA B 95 -4.45 -1.26 -24.44
C ALA B 95 -2.95 -1.15 -24.65
N VAL B 96 -2.37 -0.12 -24.06
CA VAL B 96 -0.92 0.02 -23.92
C VAL B 96 -0.59 -0.14 -22.44
N TYR B 97 0.17 -1.17 -22.11
CA TYR B 97 0.51 -1.50 -20.73
C TYR B 97 1.87 -0.91 -20.37
N TYR B 98 1.91 -0.20 -19.24
CA TYR B 98 3.13 0.34 -18.67
C TYR B 98 3.42 -0.36 -17.36
N CYS B 99 4.69 -0.57 -17.07
CA CYS B 99 5.15 -0.97 -15.75
C CYS B 99 5.85 0.21 -15.11
N ALA B 100 5.37 0.62 -13.94
CA ALA B 100 5.84 1.83 -13.30
C ALA B 100 6.27 1.51 -11.87
N ARG B 101 7.39 2.06 -11.44
CA ARG B 101 7.90 1.77 -10.11
C ARG B 101 7.69 2.96 -9.19
N GLU B 102 7.08 2.71 -8.03
CA GLU B 102 6.79 3.75 -7.05
C GLU B 102 7.50 3.42 -5.75
N TYR B 103 8.34 4.33 -5.30
CA TYR B 103 9.18 4.11 -4.11
C TYR B 103 8.53 4.74 -2.89
N TRP B 104 8.15 3.91 -1.93
CA TRP B 104 7.63 4.37 -0.65
C TRP B 104 8.75 4.51 0.35
N SER B 105 8.42 5.00 1.54
CA SER B 105 9.40 5.25 2.59
C SER B 105 8.71 5.19 3.93
N TRP B 106 9.46 5.47 5.00
CA TRP B 106 8.90 5.40 6.34
C TRP B 106 7.83 6.48 6.54
N TYR B 107 6.82 6.13 7.34
CA TYR B 107 5.76 7.07 7.72
C TYR B 107 4.90 7.46 6.53
N SER B 108 4.68 6.53 5.61
CA SER B 108 3.68 6.67 4.55
C SER B 108 4.06 7.72 3.51
N TYR B 109 5.32 8.12 3.48
CA TYR B 109 5.79 9.14 2.54
C TYR B 109 6.21 8.46 1.25
N SER B 110 5.44 8.65 0.19
CA SER B 110 5.76 8.12 -1.12
C SER B 110 6.41 9.19 -1.98
N TYR B 111 6.92 8.77 -3.14
CA TYR B 111 7.62 9.66 -4.05
C TYR B 111 7.03 9.66 -5.45
N GLY B 112 5.89 9.02 -5.64
CA GLY B 112 5.22 9.03 -6.92
C GLY B 112 5.80 8.02 -7.89
N ILE B 113 5.14 7.90 -9.04
CA ILE B 113 5.50 6.93 -10.06
C ILE B 113 6.54 7.60 -10.95
N ASP B 114 7.79 7.56 -10.50
CA ASP B 114 8.85 8.33 -11.15
C ASP B 114 9.49 7.63 -12.33
N TYR B 115 9.35 6.31 -12.46
CA TYR B 115 9.95 5.58 -13.57
C TYR B 115 8.89 4.74 -14.26
N TRP B 116 8.60 5.09 -15.51
CA TRP B 116 7.65 4.42 -16.38
C TRP B 116 8.40 3.64 -17.46
N GLY B 117 7.74 2.61 -17.97
CA GLY B 117 8.24 1.93 -19.14
C GLY B 117 7.54 2.40 -20.40
N GLN B 118 8.23 2.29 -21.53
CA GLN B 118 7.68 2.86 -22.76
C GLN B 118 6.41 2.15 -23.24
N GLY B 119 5.93 1.14 -22.51
CA GLY B 119 4.64 0.56 -22.82
C GLY B 119 4.62 -0.42 -23.97
N THR B 120 3.82 -1.48 -23.84
CA THR B 120 3.68 -2.50 -24.87
C THR B 120 2.21 -2.73 -25.15
N LEU B 121 1.89 -2.96 -26.41
CA LEU B 121 0.51 -2.96 -26.89
C LEU B 121 -0.07 -4.37 -26.89
N VAL B 122 -1.23 -4.52 -26.26
CA VAL B 122 -1.97 -5.78 -26.23
C VAL B 122 -3.24 -5.61 -27.04
N THR B 123 -3.44 -6.50 -28.01
CA THR B 123 -4.59 -6.47 -28.91
C THR B 123 -5.37 -7.76 -28.73
N VAL B 124 -6.27 -7.77 -27.75
CA VAL B 124 -7.08 -8.96 -27.47
C VAL B 124 -8.25 -9.00 -28.44
N SER B 125 -8.06 -9.61 -29.59
CA SER B 125 -9.05 -9.57 -30.66
C SER B 125 -8.97 -10.86 -31.46
N SER B 126 -9.70 -10.89 -32.57
CA SER B 126 -9.73 -12.05 -33.47
C SER B 126 -10.08 -11.56 -34.87
N ALA B 127 -9.06 -11.43 -35.71
CA ALA B 127 -9.28 -11.02 -37.10
C ALA B 127 -8.05 -11.39 -37.90
N SER B 128 -8.21 -12.33 -38.84
CA SER B 128 -7.11 -12.71 -39.71
C SER B 128 -6.48 -11.46 -40.31
N THR B 129 -5.14 -11.35 -40.18
CA THR B 129 -4.33 -10.21 -40.71
C THR B 129 -4.75 -9.93 -42.16
N LYS B 130 -5.43 -8.79 -42.37
CA LYS B 130 -6.04 -8.50 -43.66
C LYS B 130 -5.41 -7.28 -44.28
N GLY B 131 -5.62 -7.11 -45.59
CA GLY B 131 -5.12 -5.98 -46.31
C GLY B 131 -6.22 -4.98 -46.62
N PRO B 132 -5.83 -3.74 -46.91
CA PRO B 132 -6.83 -2.67 -47.01
C PRO B 132 -7.51 -2.62 -48.36
N SER B 133 -8.63 -1.92 -48.38
CA SER B 133 -9.28 -1.50 -49.63
C SER B 133 -9.24 0.02 -49.69
N VAL B 134 -9.18 0.55 -50.91
CA VAL B 134 -8.99 1.98 -51.13
C VAL B 134 -10.08 2.48 -52.07
N PHE B 135 -11.01 3.26 -51.55
CA PHE B 135 -12.02 3.91 -52.36
C PHE B 135 -11.76 5.41 -52.40
N PRO B 136 -11.72 6.04 -53.57
CA PRO B 136 -11.35 7.45 -53.63
C PRO B 136 -12.51 8.36 -53.27
N LEU B 137 -12.34 9.15 -52.21
CA LEU B 137 -13.29 10.21 -51.89
C LEU B 137 -13.07 11.33 -52.90
N ALA B 138 -13.69 11.21 -54.07
CA ALA B 138 -13.40 12.10 -55.17
C ALA B 138 -13.76 13.54 -54.82
N PRO B 139 -13.34 14.49 -55.65
CA PRO B 139 -13.75 15.89 -55.46
C PRO B 139 -15.10 16.11 -56.14
N SER B 140 -16.05 16.67 -55.39
CA SER B 140 -17.35 16.96 -55.96
C SER B 140 -17.19 17.79 -57.23
N SER B 141 -17.97 17.44 -58.26
CA SER B 141 -17.91 18.17 -59.51
C SER B 141 -18.29 19.63 -59.35
N LYS B 142 -18.94 19.98 -58.24
CA LYS B 142 -19.39 21.34 -57.98
C LYS B 142 -18.50 22.06 -56.97
N SER B 143 -17.30 21.56 -56.72
CA SER B 143 -16.38 22.20 -55.79
C SER B 143 -16.28 23.70 -56.08
N THR B 144 -16.07 24.48 -55.03
CA THR B 144 -16.14 25.93 -55.15
C THR B 144 -15.09 26.43 -56.14
N SER B 145 -15.56 26.92 -57.28
CA SER B 145 -14.68 27.45 -58.31
C SER B 145 -13.93 28.67 -57.79
N GLY B 146 -12.60 28.58 -57.77
CA GLY B 146 -11.79 29.63 -57.19
C GLY B 146 -11.72 29.63 -55.70
N GLY B 147 -12.35 28.65 -55.04
CA GLY B 147 -12.32 28.56 -53.59
C GLY B 147 -11.46 27.42 -53.10
N THR B 148 -12.09 26.32 -52.71
CA THR B 148 -11.38 25.14 -52.24
C THR B 148 -12.02 23.89 -52.83
N ALA B 149 -11.20 22.86 -53.02
CA ALA B 149 -11.65 21.52 -53.39
C ALA B 149 -10.98 20.53 -52.47
N ALA B 150 -11.77 19.91 -51.59
CA ALA B 150 -11.27 18.90 -50.66
C ALA B 150 -11.61 17.52 -51.19
N LEU B 151 -10.62 16.63 -51.24
CA LEU B 151 -10.83 15.26 -51.69
C LEU B 151 -9.99 14.35 -50.82
N GLY B 152 -9.89 13.08 -51.21
CA GLY B 152 -9.00 12.18 -50.49
C GLY B 152 -9.27 10.72 -50.85
N CYS B 153 -8.92 9.85 -49.90
CA CYS B 153 -9.08 8.41 -50.10
C CYS B 153 -9.48 7.74 -48.79
N LEU B 154 -10.45 6.84 -48.86
CA LEU B 154 -10.95 6.10 -47.70
C LEU B 154 -10.40 4.67 -47.76
N VAL B 155 -9.62 4.29 -46.75
CA VAL B 155 -8.98 2.99 -46.68
C VAL B 155 -9.70 2.18 -45.61
N LYS B 156 -10.32 1.08 -46.01
CA LYS B 156 -11.27 0.34 -45.18
C LYS B 156 -10.84 -1.11 -45.02
N ASP B 157 -11.30 -1.74 -43.93
CA ASP B 157 -11.21 -3.18 -43.74
C ASP B 157 -9.76 -3.66 -43.80
N TYR B 158 -8.98 -3.26 -42.79
CA TYR B 158 -7.55 -3.68 -42.68
C TYR B 158 -7.23 -3.99 -41.21
N PHE B 159 -6.31 -4.92 -40.97
CA PHE B 159 -5.92 -5.31 -39.59
C PHE B 159 -4.59 -6.08 -39.65
N PRO B 160 -3.61 -5.86 -38.60
CA PRO B 160 -3.36 -4.91 -37.21
C PRO B 160 -2.84 -3.51 -37.54
N GLU B 161 -3.22 -2.51 -36.72
CA GLU B 161 -2.78 -1.11 -36.89
C GLU B 161 -1.29 -1.00 -36.57
N PRO B 162 -0.52 -0.08 -37.19
CA PRO B 162 -1.10 1.06 -37.92
C PRO B 162 -1.04 0.90 -39.44
N VAL B 163 -1.13 2.03 -40.14
CA VAL B 163 -1.10 2.11 -41.63
C VAL B 163 -0.39 3.42 -42.03
N THR B 164 0.53 3.34 -42.99
CA THR B 164 1.26 4.55 -43.47
C THR B 164 0.52 5.12 -44.69
N VAL B 165 0.21 6.41 -44.68
CA VAL B 165 -0.53 7.03 -45.81
C VAL B 165 0.25 8.22 -46.37
N SER B 166 0.09 8.45 -47.68
CA SER B 166 0.75 9.58 -48.42
C SER B 166 0.12 10.12 -49.74
N TRP B 167 0.45 11.38 -50.02
CA TRP B 167 -0.11 11.98 -51.23
C TRP B 167 0.98 12.43 -52.19
N ASN B 168 0.69 12.33 -53.49
CA ASN B 168 1.66 12.64 -54.54
C ASN B 168 3.00 11.97 -54.27
N SER B 169 2.96 10.78 -53.68
CA SER B 169 4.16 10.04 -53.30
C SER B 169 4.99 10.83 -52.28
N GLY B 170 4.34 11.13 -51.15
CA GLY B 170 5.01 11.80 -50.05
C GLY B 170 5.42 13.23 -50.30
N ALA B 171 5.32 13.72 -51.54
CA ALA B 171 5.81 15.05 -51.89
C ALA B 171 4.80 16.16 -51.66
N LEU B 172 3.55 15.82 -51.34
CA LEU B 172 2.48 16.82 -51.20
C LEU B 172 1.76 16.61 -49.88
N THR B 173 2.30 17.18 -48.80
CA THR B 173 1.63 17.24 -47.52
C THR B 173 1.22 18.67 -47.17
N SER B 174 0.87 19.47 -48.17
CA SER B 174 0.47 20.86 -47.96
C SER B 174 -1.03 20.90 -47.67
N GLY B 175 -1.37 20.66 -46.42
CA GLY B 175 -2.77 20.67 -46.02
C GLY B 175 -3.40 19.29 -46.08
N VAL B 176 -2.79 18.31 -45.42
CA VAL B 176 -3.25 16.93 -45.44
C VAL B 176 -3.74 16.57 -44.04
N HIS B 177 -4.98 16.10 -43.96
CA HIS B 177 -5.61 15.69 -42.71
C HIS B 177 -5.82 14.17 -42.76
N THR B 178 -5.09 13.46 -41.91
CA THR B 178 -5.17 12.00 -41.79
C THR B 178 -5.80 11.68 -40.44
N PHE B 179 -7.07 11.32 -40.47
CA PHE B 179 -7.85 11.16 -39.25
C PHE B 179 -7.58 9.81 -38.61
N PRO B 180 -7.39 9.78 -37.28
CA PRO B 180 -7.14 8.52 -36.59
C PRO B 180 -8.08 7.42 -37.06
N ALA B 181 -7.51 6.26 -37.36
CA ALA B 181 -8.29 5.15 -37.88
C ALA B 181 -9.23 4.62 -36.81
N VAL B 182 -10.49 4.43 -37.18
CA VAL B 182 -11.51 3.97 -36.26
C VAL B 182 -11.56 2.45 -36.28
N LEU B 183 -12.16 1.88 -35.24
CA LEU B 183 -12.42 0.44 -35.15
C LEU B 183 -13.85 0.20 -35.60
N GLN B 184 -14.03 -0.09 -36.89
CA GLN B 184 -15.37 -0.18 -37.46
C GLN B 184 -16.08 -1.39 -36.90
N SER B 185 -17.33 -1.60 -37.34
CA SER B 185 -18.20 -2.60 -36.74
C SER B 185 -17.56 -3.98 -36.72
N SER B 186 -17.07 -4.45 -37.87
CA SER B 186 -16.71 -5.84 -38.07
C SER B 186 -15.47 -6.29 -37.29
N GLY B 187 -14.94 -5.45 -36.39
CA GLY B 187 -13.72 -5.79 -35.70
C GLY B 187 -12.46 -5.42 -36.44
N LEU B 188 -12.56 -5.09 -37.72
CA LEU B 188 -11.45 -4.56 -38.50
C LEU B 188 -11.32 -3.06 -38.18
N TYR B 189 -10.55 -2.34 -38.99
CA TYR B 189 -10.42 -0.91 -38.81
C TYR B 189 -10.66 -0.20 -40.14
N SER B 190 -10.50 1.12 -40.13
CA SER B 190 -10.66 1.92 -41.33
C SER B 190 -10.35 3.37 -40.99
N LEU B 191 -9.94 4.12 -42.01
CA LEU B 191 -9.64 5.53 -41.86
C LEU B 191 -9.79 6.21 -43.21
N SER B 192 -9.56 7.52 -43.24
CA SER B 192 -9.60 8.29 -44.47
CA SER B 192 -9.60 8.29 -44.47
C SER B 192 -8.52 9.36 -44.42
N SER B 193 -8.15 9.84 -45.61
CA SER B 193 -7.18 10.91 -45.77
C SER B 193 -7.81 11.97 -46.64
N VAL B 194 -7.63 13.24 -46.28
CA VAL B 194 -8.19 14.35 -47.01
C VAL B 194 -7.11 15.37 -47.30
N VAL B 195 -7.25 16.04 -48.44
CA VAL B 195 -6.34 17.09 -48.86
C VAL B 195 -7.13 18.15 -49.59
N THR B 196 -6.78 19.41 -49.36
CA THR B 196 -7.42 20.55 -50.00
C THR B 196 -6.55 21.07 -51.12
N VAL B 197 -7.19 21.63 -52.15
CA VAL B 197 -6.48 22.21 -53.28
C VAL B 197 -7.25 23.44 -53.77
N PRO B 198 -6.58 24.31 -54.51
CA PRO B 198 -7.32 25.40 -55.16
C PRO B 198 -8.11 24.86 -56.35
N SER B 199 -9.30 25.45 -56.56
CA SER B 199 -10.17 25.00 -57.63
C SER B 199 -9.64 25.38 -59.01
N SER B 200 -8.55 26.15 -59.07
CA SER B 200 -7.97 26.48 -60.36
C SER B 200 -7.17 25.32 -60.95
N SER B 201 -6.40 24.63 -60.11
CA SER B 201 -5.54 23.53 -60.55
C SER B 201 -6.16 22.17 -60.27
N LEU B 202 -7.48 22.05 -60.37
CA LEU B 202 -8.17 20.80 -60.10
C LEU B 202 -8.12 19.86 -61.30
N GLY B 203 -8.63 20.30 -62.45
CA GLY B 203 -8.70 19.47 -63.62
C GLY B 203 -7.35 19.10 -64.22
N THR B 204 -6.35 19.95 -64.05
CA THR B 204 -5.02 19.70 -64.60
C THR B 204 -4.13 18.91 -63.66
N GLN B 205 -4.21 19.15 -62.36
CA GLN B 205 -3.38 18.45 -61.39
C GLN B 205 -3.97 17.07 -61.08
N THR B 206 -3.09 16.10 -60.85
CA THR B 206 -3.46 14.72 -60.57
C THR B 206 -2.76 14.26 -59.30
N TYR B 207 -3.50 13.62 -58.42
CA TYR B 207 -2.97 13.12 -57.15
C TYR B 207 -3.38 11.67 -56.98
N ILE B 208 -2.47 10.87 -56.42
CA ILE B 208 -2.71 9.45 -56.18
C ILE B 208 -2.28 9.16 -54.75
N CYS B 209 -3.25 8.93 -53.88
CA CYS B 209 -2.96 8.62 -52.49
C CYS B 209 -2.38 7.21 -52.38
N ASN B 210 -1.24 7.10 -51.69
CA ASN B 210 -0.47 5.87 -51.57
C ASN B 210 -0.64 5.32 -50.16
N VAL B 211 -0.88 4.02 -50.06
CA VAL B 211 -1.19 3.35 -48.81
C VAL B 211 -0.27 2.16 -48.65
N ASN B 212 0.27 1.98 -47.44
CA ASN B 212 1.25 0.94 -47.16
C ASN B 212 0.90 0.25 -45.85
N HIS B 213 0.73 -1.07 -45.94
CA HIS B 213 0.42 -1.94 -44.75
C HIS B 213 1.57 -2.93 -44.59
N LYS B 214 2.45 -2.71 -43.60
CA LYS B 214 3.63 -3.59 -43.37
C LYS B 214 3.22 -4.92 -42.71
N PRO B 215 2.21 -4.95 -41.82
CA PRO B 215 1.76 -6.19 -41.16
C PRO B 215 0.77 -7.07 -41.95
N SER B 216 0.85 -7.04 -43.28
CA SER B 216 -0.03 -7.83 -44.19
C SER B 216 0.57 -7.84 -45.59
N ASN B 217 1.66 -7.06 -45.79
CA ASN B 217 2.38 -6.96 -47.09
C ASN B 217 1.42 -6.51 -48.20
N THR B 218 0.75 -5.38 -48.02
CA THR B 218 -0.16 -4.87 -49.04
C THR B 218 0.07 -3.37 -49.22
N LYS B 219 0.40 -2.97 -50.45
CA LYS B 219 0.67 -1.57 -50.76
C LYS B 219 -0.11 -1.21 -52.02
N VAL B 220 -0.86 -0.11 -51.96
CA VAL B 220 -1.78 0.25 -53.03
C VAL B 220 -1.67 1.73 -53.33
N ASP B 221 -2.18 2.12 -54.50
CA ASP B 221 -2.24 3.51 -54.92
C ASP B 221 -3.59 3.78 -55.56
N LYS B 222 -4.19 4.93 -55.24
CA LYS B 222 -5.51 5.29 -55.73
C LYS B 222 -5.50 6.73 -56.21
N LYS B 223 -5.66 6.94 -57.51
CA LYS B 223 -5.71 8.29 -58.05
C LYS B 223 -7.09 8.88 -57.83
N VAL B 224 -7.15 10.02 -57.13
CA VAL B 224 -8.41 10.70 -56.87
C VAL B 224 -8.64 11.73 -57.97
N GLU B 225 -9.84 11.73 -58.53
CA GLU B 225 -10.16 12.54 -59.69
C GLU B 225 -11.59 13.05 -59.60
N PRO B 226 -11.90 14.15 -60.30
CA PRO B 226 -13.28 14.67 -60.28
C PRO B 226 -14.27 13.73 -60.94
N LYS B 227 -15.21 13.21 -60.16
CA LYS B 227 -16.25 12.34 -60.70
C LYS B 227 -17.28 13.18 -61.45
N SER B 228 -17.32 13.02 -62.76
CA SER B 228 -18.29 13.70 -63.61
C SER B 228 -19.22 12.67 -64.26
N CYS B 229 -20.51 12.95 -64.15
CA CYS B 229 -21.52 12.05 -64.70
C CYS B 229 -21.83 12.41 -66.16
N ASP C 2 -14.25 2.76 -4.10
CA ASP C 2 -13.93 2.99 -2.70
C ASP C 2 -12.86 4.07 -2.56
N ILE C 3 -12.05 4.24 -3.60
CA ILE C 3 -11.03 5.28 -3.67
C ILE C 3 -11.07 5.88 -5.06
N GLN C 4 -11.58 7.10 -5.17
CA GLN C 4 -11.66 7.74 -6.49
C GLN C 4 -11.28 9.20 -6.38
N MET C 5 -10.89 9.77 -7.53
CA MET C 5 -10.54 11.17 -7.65
C MET C 5 -11.39 11.78 -8.77
N THR C 6 -12.08 12.88 -8.46
CA THR C 6 -12.93 13.57 -9.46
C THR C 6 -12.18 14.79 -10.01
N GLN C 7 -11.54 14.64 -11.17
CA GLN C 7 -10.75 15.74 -11.79
C GLN C 7 -11.71 16.77 -12.41
N SER C 8 -11.40 18.06 -12.27
CA SER C 8 -12.25 19.15 -12.82
C SER C 8 -11.36 20.19 -13.53
N PRO C 9 -11.64 20.53 -14.81
CA PRO C 9 -12.59 19.79 -15.64
C PRO C 9 -11.87 18.80 -16.57
N SER C 10 -12.42 18.59 -17.78
CA SER C 10 -11.82 17.67 -18.78
C SER C 10 -11.23 18.50 -19.92
N SER C 11 -11.64 19.77 -20.01
CA SER C 11 -11.15 20.72 -21.06
CA SER C 11 -11.15 20.72 -21.06
C SER C 11 -11.26 22.26 -20.85
N LEU C 12 -10.09 22.89 -20.95
CA LEU C 12 -10.04 24.36 -20.74
C LEU C 12 -8.95 25.04 -21.58
N SER C 13 -9.34 26.03 -22.39
CA SER C 13 -8.37 26.81 -23.21
CA SER C 13 -8.37 26.81 -23.21
C SER C 13 -7.57 27.98 -22.54
N ALA C 14 -6.33 28.12 -22.99
CA ALA C 14 -5.49 29.14 -22.39
C ALA C 14 -4.45 29.60 -23.40
N SER C 15 -4.01 30.83 -23.26
CA SER C 15 -3.04 31.44 -24.16
C SER C 15 -1.64 31.33 -23.56
N VAL C 16 -0.64 31.58 -24.42
CA VAL C 16 0.75 31.49 -23.98
C VAL C 16 1.00 32.61 -22.98
N GLY C 17 1.15 32.26 -21.70
CA GLY C 17 1.37 33.22 -20.64
C GLY C 17 0.33 33.19 -19.54
N ASP C 18 -0.85 32.63 -19.78
CA ASP C 18 -1.89 32.62 -18.76
C ASP C 18 -1.49 31.77 -17.56
N ARG C 19 -2.15 32.02 -16.44
CA ARG C 19 -2.02 31.21 -15.25
C ARG C 19 -3.15 30.20 -15.22
N VAL C 20 -2.83 28.95 -14.91
CA VAL C 20 -3.79 27.85 -15.00
C VAL C 20 -3.87 27.14 -13.67
N THR C 21 -5.04 26.58 -13.36
CA THR C 21 -5.28 25.87 -12.11
C THR C 21 -6.24 24.73 -12.34
N ILE C 22 -5.82 23.53 -11.94
CA ILE C 22 -6.62 22.31 -12.09
C ILE C 22 -6.92 21.76 -10.70
N THR C 23 -8.16 21.37 -10.47
CA THR C 23 -8.59 20.84 -9.19
C THR C 23 -8.85 19.34 -9.29
N CYS C 24 -8.78 18.68 -8.14
CA CYS C 24 -8.96 17.23 -8.08
C CYS C 24 -9.35 16.89 -6.65
N ARG C 25 -10.55 16.34 -6.47
CA ARG C 25 -11.11 16.12 -5.15
C ARG C 25 -11.33 14.63 -4.93
N ALA C 26 -10.93 14.15 -3.76
CA ALA C 26 -11.00 12.74 -3.43
C ALA C 26 -12.18 12.47 -2.50
N SER C 27 -12.82 11.32 -2.70
CA SER C 27 -13.99 10.96 -1.90
C SER C 27 -13.71 10.96 -0.41
N GLN C 28 -12.44 10.93 -0.01
CA GLN C 28 -12.09 11.01 1.40
C GLN C 28 -10.63 11.40 1.53
N SER C 29 -10.35 12.31 2.47
CA SER C 29 -8.98 12.78 2.70
C SER C 29 -8.36 11.88 3.74
N VAL C 30 -7.83 10.74 3.30
CA VAL C 30 -7.15 9.81 4.18
C VAL C 30 -5.68 9.65 3.83
N SER C 31 -5.16 10.41 2.87
CA SER C 31 -3.74 10.39 2.57
C SER C 31 -3.43 11.55 1.64
N SER C 32 -2.40 12.33 1.98
CA SER C 32 -1.95 13.43 1.15
C SER C 32 -0.90 13.00 0.15
N ALA C 33 -0.83 11.70 -0.17
CA ALA C 33 0.10 11.19 -1.17
C ALA C 33 -0.52 11.32 -2.55
N VAL C 34 -0.62 12.57 -3.00
CA VAL C 34 -1.26 12.90 -4.27
C VAL C 34 -0.20 13.43 -5.21
N ALA C 35 0.02 12.72 -6.31
CA ALA C 35 1.04 13.08 -7.28
C ALA C 35 0.39 13.57 -8.56
N TRP C 36 1.04 14.52 -9.21
CA TRP C 36 0.55 15.11 -10.46
C TRP C 36 1.51 14.76 -11.58
N TYR C 37 0.98 14.11 -12.62
CA TYR C 37 1.73 13.64 -13.77
C TYR C 37 1.27 14.38 -15.01
N GLN C 38 2.18 14.52 -15.96
CA GLN C 38 1.91 15.13 -17.25
C GLN C 38 2.16 14.10 -18.34
N GLN C 39 1.37 14.15 -19.41
CA GLN C 39 1.53 13.23 -20.52
C GLN C 39 1.30 13.96 -21.83
N LYS C 40 2.27 13.89 -22.72
CA LYS C 40 2.08 14.32 -24.09
C LYS C 40 1.35 13.24 -24.86
N PRO C 41 0.94 13.52 -26.10
CA PRO C 41 0.14 12.53 -26.84
C PRO C 41 0.96 11.35 -27.32
N GLY C 42 0.77 10.19 -26.69
CA GLY C 42 1.43 8.96 -27.08
C GLY C 42 2.61 8.55 -26.23
N LYS C 43 3.26 9.47 -25.53
CA LYS C 43 4.42 9.15 -24.71
C LYS C 43 3.97 8.71 -23.33
N ALA C 44 4.94 8.27 -22.53
CA ALA C 44 4.65 7.88 -21.17
C ALA C 44 4.50 9.12 -20.29
N PRO C 45 3.66 9.05 -19.27
CA PRO C 45 3.53 10.18 -18.35
C PRO C 45 4.86 10.58 -17.77
N LYS C 46 4.86 11.74 -17.11
CA LYS C 46 6.05 12.25 -16.44
C LYS C 46 5.63 12.85 -15.11
N LEU C 47 6.31 12.46 -14.04
CA LEU C 47 5.97 12.96 -12.72
C LEU C 47 6.33 14.44 -12.62
N LEU C 48 5.33 15.27 -12.33
CA LEU C 48 5.55 16.70 -12.11
C LEU C 48 5.70 17.01 -10.63
N ILE C 49 4.72 16.60 -9.83
CA ILE C 49 4.68 16.97 -8.42
C ILE C 49 4.36 15.73 -7.60
N TYR C 50 4.90 15.65 -6.39
CA TYR C 50 4.60 14.54 -5.51
C TYR C 50 4.38 15.06 -4.10
N SER C 51 3.79 14.22 -3.25
CA SER C 51 3.35 14.60 -1.91
C SER C 51 2.33 15.73 -1.95
N ALA C 52 1.81 16.03 -3.13
CA ALA C 52 0.78 17.04 -3.36
C ALA C 52 1.31 18.46 -3.28
N SER C 53 2.55 18.63 -2.82
CA SER C 53 3.15 19.96 -2.83
C SER C 53 4.62 20.00 -3.21
N SER C 54 5.34 18.89 -3.18
CA SER C 54 6.78 18.89 -3.41
C SER C 54 7.07 18.75 -4.89
N LEU C 55 7.90 19.63 -5.42
CA LEU C 55 8.21 19.64 -6.83
C LEU C 55 9.28 18.60 -7.14
N TYR C 56 9.15 17.95 -8.29
CA TYR C 56 10.13 16.96 -8.70
C TYR C 56 11.47 17.66 -8.98
N SER C 57 12.46 16.87 -9.36
CA SER C 57 13.77 17.40 -9.74
C SER C 57 13.85 17.48 -11.26
N GLY C 58 14.22 18.66 -11.77
CA GLY C 58 14.27 18.91 -13.19
C GLY C 58 13.00 19.50 -13.77
N VAL C 59 11.93 19.56 -12.98
CA VAL C 59 10.68 20.17 -13.45
C VAL C 59 10.81 21.69 -13.36
N PRO C 60 10.19 22.45 -14.25
CA PRO C 60 10.30 23.91 -14.17
C PRO C 60 9.81 24.42 -12.84
N SER C 61 10.01 25.73 -12.63
CA SER C 61 9.63 26.38 -11.39
C SER C 61 8.16 26.78 -11.35
N ARG C 62 7.48 26.76 -12.50
CA ARG C 62 6.13 27.29 -12.61
C ARG C 62 5.05 26.31 -12.18
N PHE C 63 5.41 25.12 -11.73
CA PHE C 63 4.46 24.11 -11.29
C PHE C 63 4.41 24.08 -9.76
N SER C 64 3.24 24.34 -9.20
CA SER C 64 3.08 24.33 -7.75
C SER C 64 1.78 23.65 -7.39
N GLY C 65 1.85 22.63 -6.54
CA GLY C 65 0.68 21.93 -6.08
C GLY C 65 0.28 22.38 -4.69
N SER C 66 -0.92 21.98 -4.29
CA SER C 66 -1.42 22.36 -2.97
CA SER C 66 -1.42 22.36 -2.97
C SER C 66 -2.62 21.49 -2.63
N ARG C 67 -2.94 21.43 -1.34
CA ARG C 67 -4.07 20.67 -0.83
C ARG C 67 -4.88 21.53 0.13
N SER C 68 -6.21 21.41 0.04
CA SER C 68 -7.12 22.05 1.01
C SER C 68 -8.22 21.03 1.32
N GLY C 69 -7.97 20.19 2.31
CA GLY C 69 -8.93 19.20 2.77
C GLY C 69 -8.98 17.98 1.88
N THR C 70 -9.70 18.09 0.75
CA THR C 70 -9.71 17.06 -0.28
C THR C 70 -9.81 17.67 -1.67
N ASP C 71 -9.23 18.85 -1.86
CA ASP C 71 -9.41 19.65 -3.08
C ASP C 71 -8.06 20.00 -3.68
N PHE C 72 -7.22 18.99 -3.87
CA PHE C 72 -5.87 19.24 -4.35
C PHE C 72 -5.89 20.03 -5.64
N THR C 73 -4.85 20.80 -5.87
CA THR C 73 -4.79 21.72 -7.00
C THR C 73 -3.38 21.78 -7.55
N LEU C 74 -3.31 21.92 -8.87
CA LEU C 74 -2.06 22.12 -9.60
C LEU C 74 -2.10 23.47 -10.30
N THR C 75 -1.08 24.29 -10.09
CA THR C 75 -1.03 25.65 -10.60
C THR C 75 0.18 25.81 -11.51
N ILE C 76 -0.07 26.30 -12.72
CA ILE C 76 0.97 26.68 -13.67
C ILE C 76 0.96 28.19 -13.75
N SER C 77 1.94 28.83 -13.13
CA SER C 77 1.96 30.28 -13.00
C SER C 77 2.40 30.99 -14.27
N SER C 78 2.90 30.26 -15.26
CA SER C 78 3.20 30.84 -16.56
C SER C 78 3.18 29.70 -17.58
N LEU C 79 2.08 29.60 -18.32
CA LEU C 79 1.94 28.51 -19.28
C LEU C 79 2.77 28.82 -20.52
N GLN C 80 3.89 28.11 -20.69
CA GLN C 80 4.78 28.25 -21.81
C GLN C 80 4.42 27.29 -22.92
N PRO C 81 4.93 27.50 -24.13
CA PRO C 81 4.48 26.68 -25.27
C PRO C 81 4.69 25.20 -25.08
N GLU C 82 5.65 24.79 -24.26
CA GLU C 82 5.83 23.38 -23.93
C GLU C 82 5.12 23.02 -22.62
N ASP C 83 3.83 23.33 -22.54
CA ASP C 83 3.03 22.95 -21.39
C ASP C 83 1.63 22.47 -21.76
N PHE C 84 1.29 22.38 -23.04
CA PHE C 84 0.00 21.85 -23.46
C PHE C 84 0.10 20.34 -23.53
N ALA C 85 -0.63 19.66 -22.65
CA ALA C 85 -0.64 18.20 -22.62
C ALA C 85 -1.80 17.78 -21.72
N THR C 86 -1.86 16.50 -21.38
CA THR C 86 -2.84 16.01 -20.43
C THR C 86 -2.21 15.95 -19.04
N TYR C 87 -3.03 16.16 -18.02
CA TYR C 87 -2.54 16.25 -16.65
C TYR C 87 -3.42 15.39 -15.77
N TYR C 88 -2.79 14.47 -15.04
CA TYR C 88 -3.52 13.55 -14.18
C TYR C 88 -3.13 13.76 -12.74
N CYS C 89 -4.10 13.74 -11.84
CA CYS C 89 -3.79 13.53 -10.44
C CYS C 89 -3.57 12.04 -10.21
N GLN C 90 -3.23 11.69 -8.98
CA GLN C 90 -3.17 10.28 -8.62
C GLN C 90 -3.09 10.19 -7.12
N GLN C 91 -3.95 9.37 -6.53
CA GLN C 91 -3.96 9.19 -5.08
C GLN C 91 -3.72 7.73 -4.72
N SER C 92 -2.92 7.53 -3.67
CA SER C 92 -2.59 6.24 -3.12
C SER C 92 -2.67 6.32 -1.60
N TYR C 93 -3.22 5.27 -0.98
CA TYR C 93 -3.44 5.27 0.46
C TYR C 93 -2.22 4.73 1.22
N TRP C 94 -1.82 3.50 0.96
CA TRP C 94 -0.62 2.93 1.54
C TRP C 94 -0.07 1.88 0.58
N VAL C 95 0.89 1.08 1.06
CA VAL C 95 1.67 0.24 0.16
C VAL C 95 0.82 -0.89 -0.42
N GLY C 96 0.13 -1.63 0.45
CA GLY C 96 -0.58 -2.80 -0.02
C GLY C 96 -1.97 -2.53 -0.53
N TYR C 97 -2.24 -1.29 -0.90
CA TYR C 97 -3.56 -0.83 -1.27
C TYR C 97 -3.57 -0.32 -2.70
N PRO C 98 -4.71 -0.35 -3.38
CA PRO C 98 -4.76 0.13 -4.76
C PRO C 98 -4.68 1.65 -4.85
N ILE C 99 -4.40 2.13 -6.06
CA ILE C 99 -4.26 3.55 -6.34
C ILE C 99 -5.32 3.94 -7.36
N THR C 100 -5.45 5.25 -7.60
CA THR C 100 -6.43 5.71 -8.57
C THR C 100 -5.96 6.98 -9.27
N PHE C 101 -6.21 7.03 -10.57
CA PHE C 101 -5.90 8.16 -11.44
C PHE C 101 -7.16 8.98 -11.71
N GLY C 102 -6.98 10.29 -11.80
CA GLY C 102 -8.06 11.14 -12.25
C GLY C 102 -8.42 10.83 -13.69
N GLN C 103 -9.28 11.66 -14.25
CA GLN C 103 -9.76 11.43 -15.61
C GLN C 103 -8.91 12.11 -16.67
N GLY C 104 -8.24 13.20 -16.33
CA GLY C 104 -7.41 13.85 -17.34
C GLY C 104 -7.94 15.22 -17.69
N THR C 105 -7.04 16.20 -17.70
CA THR C 105 -7.36 17.59 -17.99
C THR C 105 -6.52 18.04 -19.17
N LYS C 106 -7.07 17.91 -20.37
CA LYS C 106 -6.34 18.29 -21.58
C LYS C 106 -6.32 19.80 -21.71
N VAL C 107 -5.14 20.39 -21.55
CA VAL C 107 -4.95 21.83 -21.73
C VAL C 107 -4.52 22.07 -23.16
N GLU C 108 -5.17 23.02 -23.83
CA GLU C 108 -4.90 23.31 -25.22
C GLU C 108 -4.73 24.81 -25.43
N ILE C 109 -4.25 25.18 -26.61
CA ILE C 109 -4.00 26.58 -26.92
C ILE C 109 -5.30 27.22 -27.40
N LYS C 110 -5.42 28.52 -27.19
CA LYS C 110 -6.60 29.28 -27.55
C LYS C 110 -6.35 30.07 -28.82
N ARG C 111 -7.44 30.42 -29.51
CA ARG C 111 -7.35 31.29 -30.68
C ARG C 111 -8.73 31.89 -30.92
N THR C 112 -8.91 32.49 -32.09
CA THR C 112 -10.17 33.15 -32.44
C THR C 112 -11.17 32.13 -32.98
N VAL C 113 -12.40 32.23 -32.47
CA VAL C 113 -13.51 31.33 -32.90
C VAL C 113 -13.66 31.43 -34.41
N ALA C 114 -13.59 30.30 -35.11
CA ALA C 114 -13.67 30.27 -36.57
C ALA C 114 -14.82 29.38 -36.99
N ALA C 115 -15.19 29.49 -38.26
CA ALA C 115 -16.26 28.71 -38.86
C ALA C 115 -15.68 27.72 -39.85
N PRO C 116 -16.03 26.45 -39.74
CA PRO C 116 -15.37 25.42 -40.55
C PRO C 116 -16.07 25.24 -41.90
N SER C 117 -15.36 24.59 -42.81
CA SER C 117 -15.93 24.20 -44.09
CA SER C 117 -15.94 24.20 -44.08
C SER C 117 -16.68 22.89 -43.92
N VAL C 118 -17.69 22.68 -44.76
CA VAL C 118 -18.55 21.50 -44.70
C VAL C 118 -18.71 20.95 -46.11
N PHE C 119 -18.25 19.73 -46.31
CA PHE C 119 -18.37 19.03 -47.58
C PHE C 119 -19.07 17.71 -47.39
N ILE C 120 -19.61 17.16 -48.47
CA ILE C 120 -20.26 15.86 -48.45
C ILE C 120 -19.92 15.12 -49.73
N PHE C 121 -19.46 13.88 -49.59
CA PHE C 121 -19.09 13.03 -50.71
C PHE C 121 -20.02 11.82 -50.71
N PRO C 122 -20.66 11.50 -51.83
CA PRO C 122 -21.43 10.27 -51.92
C PRO C 122 -20.51 9.07 -51.98
N PRO C 123 -21.05 7.85 -51.98
CA PRO C 123 -20.20 6.67 -51.99
C PRO C 123 -19.45 6.53 -53.31
N SER C 124 -18.28 5.89 -53.23
CA SER C 124 -17.46 5.71 -54.41
C SER C 124 -18.08 4.69 -55.36
N ASP C 125 -17.93 4.95 -56.66
CA ASP C 125 -18.45 4.02 -57.66
C ASP C 125 -17.86 2.63 -57.47
N SER C 126 -16.55 2.53 -57.35
CA SER C 126 -15.90 1.23 -57.21
C SER C 126 -16.28 0.51 -55.93
N GLN C 127 -16.93 1.19 -54.99
CA GLN C 127 -17.35 0.53 -53.75
C GLN C 127 -18.77 0.00 -53.83
N LEU C 128 -19.69 0.73 -54.46
CA LEU C 128 -21.04 0.20 -54.63
C LEU C 128 -21.04 -1.13 -55.38
N LYS C 129 -20.00 -1.41 -56.16
CA LYS C 129 -19.82 -2.75 -56.72
C LYS C 129 -19.59 -3.78 -55.64
N SER C 130 -19.13 -3.35 -54.46
CA SER C 130 -18.90 -4.29 -53.36
C SER C 130 -20.21 -4.70 -52.72
N GLY C 131 -20.98 -3.73 -52.22
CA GLY C 131 -22.22 -4.02 -51.52
C GLY C 131 -22.45 -3.10 -50.35
N THR C 132 -21.51 -2.20 -50.10
CA THR C 132 -21.62 -1.20 -49.04
C THR C 132 -21.21 0.15 -49.59
N ALA C 133 -21.86 1.21 -49.11
CA ALA C 133 -21.54 2.57 -49.48
C ALA C 133 -21.31 3.39 -48.22
N SER C 134 -20.63 4.53 -48.37
CA SER C 134 -20.29 5.38 -47.24
C SER C 134 -20.37 6.84 -47.67
N VAL C 135 -21.39 7.54 -47.18
CA VAL C 135 -21.52 8.98 -47.39
C VAL C 135 -20.65 9.68 -46.35
N VAL C 136 -19.80 10.60 -46.79
CA VAL C 136 -18.83 11.24 -45.92
C VAL C 136 -19.17 12.72 -45.78
N CYS C 137 -19.17 13.22 -44.54
CA CYS C 137 -19.41 14.62 -44.22
C CYS C 137 -18.19 15.15 -43.49
N LEU C 138 -17.57 16.18 -44.06
CA LEU C 138 -16.25 16.65 -43.61
C LEU C 138 -16.36 18.08 -43.13
N LEU C 139 -16.02 18.31 -41.86
CA LEU C 139 -15.83 19.63 -41.29
C LEU C 139 -14.34 19.93 -41.24
N ASN C 140 -13.96 21.14 -41.64
CA ASN C 140 -12.56 21.51 -41.75
C ASN C 140 -12.28 22.83 -41.05
N ASN C 141 -11.16 22.91 -40.34
CA ASN C 141 -10.60 24.18 -39.83
C ASN C 141 -11.62 24.93 -38.97
N PHE C 142 -11.96 24.33 -37.83
CA PHE C 142 -12.96 24.94 -36.92
C PHE C 142 -12.44 24.94 -35.48
N TYR C 143 -12.98 25.85 -34.66
CA TYR C 143 -12.62 25.97 -33.22
C TYR C 143 -13.74 26.67 -32.47
N PRO C 144 -14.19 26.18 -31.29
CA PRO C 144 -13.57 25.03 -30.63
C PRO C 144 -14.01 23.67 -31.17
N ARG C 145 -13.48 22.58 -30.58
CA ARG C 145 -13.76 21.18 -31.02
C ARG C 145 -15.27 20.88 -30.98
N GLU C 146 -15.97 21.38 -29.95
CA GLU C 146 -17.42 21.12 -29.80
C GLU C 146 -18.18 21.49 -31.08
N ALA C 147 -18.63 20.48 -31.83
CA ALA C 147 -19.41 20.67 -33.04
C ALA C 147 -20.64 19.77 -32.99
N LYS C 148 -21.47 19.86 -34.03
CA LYS C 148 -22.67 19.03 -34.11
C LYS C 148 -22.85 18.58 -35.55
N VAL C 149 -22.98 17.28 -35.77
CA VAL C 149 -23.22 16.72 -37.09
C VAL C 149 -24.46 15.85 -37.03
N GLN C 150 -25.39 16.07 -37.96
CA GLN C 150 -26.57 15.22 -38.08
C GLN C 150 -26.71 14.73 -39.51
N TRP C 151 -27.12 13.47 -39.65
CA TRP C 151 -27.30 12.84 -40.95
C TRP C 151 -28.78 12.70 -41.24
N LYS C 152 -29.19 13.04 -42.46
CA LYS C 152 -30.58 12.94 -42.89
C LYS C 152 -30.62 12.40 -44.31
N VAL C 153 -31.18 11.21 -44.47
CA VAL C 153 -31.37 10.59 -45.77
C VAL C 153 -32.87 10.54 -46.01
N ASP C 154 -33.37 11.47 -46.81
CA ASP C 154 -34.80 11.56 -47.09
C ASP C 154 -35.60 11.89 -45.83
N ASN C 155 -35.17 12.93 -45.11
CA ASN C 155 -35.94 13.53 -44.03
C ASN C 155 -36.24 12.51 -42.92
N ALA C 156 -35.16 12.08 -42.26
CA ALA C 156 -35.29 11.21 -41.09
C ALA C 156 -34.24 11.59 -40.06
N LEU C 157 -34.39 11.02 -38.86
CA LEU C 157 -33.43 11.26 -37.77
C LEU C 157 -32.44 10.09 -37.69
N GLN C 158 -31.65 9.96 -38.76
CA GLN C 158 -30.69 8.87 -38.90
C GLN C 158 -29.76 8.79 -37.69
N SER C 159 -29.86 7.71 -36.91
CA SER C 159 -29.01 7.54 -35.75
CA SER C 159 -29.01 7.54 -35.75
C SER C 159 -28.65 6.07 -35.59
N GLY C 160 -27.36 5.81 -35.38
CA GLY C 160 -26.89 4.46 -35.14
C GLY C 160 -25.86 3.91 -36.10
N ASN C 161 -26.03 4.20 -37.39
CA ASN C 161 -25.21 3.59 -38.45
C ASN C 161 -24.23 4.59 -39.06
N SER C 162 -23.64 5.44 -38.22
CA SER C 162 -22.68 6.44 -38.68
C SER C 162 -21.71 6.75 -37.57
N GLN C 163 -20.45 6.97 -37.93
CA GLN C 163 -19.38 7.18 -36.97
C GLN C 163 -18.52 8.36 -37.41
N GLU C 164 -18.14 9.18 -36.45
CA GLU C 164 -17.43 10.42 -36.71
C GLU C 164 -16.13 10.48 -35.91
N SER C 165 -15.06 10.86 -36.58
CA SER C 165 -13.74 10.96 -35.96
C SER C 165 -13.20 12.36 -36.15
N VAL C 166 -12.11 12.66 -35.44
CA VAL C 166 -11.48 13.98 -35.47
C VAL C 166 -9.97 13.82 -35.52
N THR C 167 -9.28 14.96 -35.47
CA THR C 167 -7.84 14.99 -35.29
C THR C 167 -7.51 15.65 -33.94
N GLU C 168 -6.23 15.88 -33.69
CA GLU C 168 -5.80 16.71 -32.58
C GLU C 168 -5.54 18.12 -33.09
N GLN C 169 -5.35 19.06 -32.16
CA GLN C 169 -5.29 20.47 -32.55
C GLN C 169 -4.08 20.72 -33.45
N ASP C 170 -4.30 21.48 -34.51
CA ASP C 170 -3.24 21.79 -35.45
C ASP C 170 -2.06 22.43 -34.72
N SER C 171 -0.90 22.42 -35.39
CA SER C 171 0.30 23.02 -34.84
C SER C 171 0.65 24.36 -35.45
N LYS C 172 0.01 24.73 -36.56
CA LYS C 172 0.31 25.98 -37.24
C LYS C 172 -0.76 27.04 -37.07
N ASP C 173 -2.03 26.64 -36.88
CA ASP C 173 -3.07 27.60 -36.53
C ASP C 173 -4.05 27.09 -35.49
N SER C 174 -3.88 25.87 -34.98
CA SER C 174 -4.66 25.38 -33.85
C SER C 174 -6.14 25.21 -34.19
N THR C 175 -6.40 24.76 -35.42
CA THR C 175 -7.76 24.50 -35.89
C THR C 175 -7.98 23.01 -36.08
N TYR C 176 -9.12 22.52 -35.59
CA TYR C 176 -9.43 21.10 -35.68
C TYR C 176 -10.01 20.73 -37.05
N SER C 177 -10.03 19.44 -37.31
CA SER C 177 -10.76 18.88 -38.44
C SER C 177 -11.61 17.73 -37.92
N LEU C 178 -12.56 17.29 -38.74
CA LEU C 178 -13.48 16.24 -38.32
C LEU C 178 -14.12 15.63 -39.55
N SER C 179 -14.38 14.34 -39.48
CA SER C 179 -14.93 13.59 -40.60
C SER C 179 -15.89 12.55 -40.06
N SER C 180 -17.17 12.68 -40.41
CA SER C 180 -18.18 11.69 -40.09
C SER C 180 -18.51 10.90 -41.34
N THR C 181 -18.94 9.65 -41.15
CA THR C 181 -19.27 8.77 -42.26
C THR C 181 -20.50 7.97 -41.88
N LEU C 182 -21.51 8.02 -42.75
CA LEU C 182 -22.70 7.20 -42.62
C LEU C 182 -22.59 6.07 -43.63
N THR C 183 -22.47 4.84 -43.14
CA THR C 183 -22.30 3.67 -43.99
C THR C 183 -23.62 2.94 -44.11
N LEU C 184 -23.94 2.51 -45.33
CA LEU C 184 -25.20 1.85 -45.63
C LEU C 184 -24.94 0.64 -46.52
N SER C 185 -25.51 -0.50 -46.13
CA SER C 185 -25.54 -1.64 -47.02
C SER C 185 -26.20 -1.24 -48.33
N LYS C 186 -25.76 -1.88 -49.42
CA LYS C 186 -26.24 -1.49 -50.74
C LYS C 186 -27.76 -1.38 -50.79
N ALA C 187 -28.46 -2.19 -49.98
CA ALA C 187 -29.92 -2.15 -49.99
C ALA C 187 -30.45 -0.80 -49.51
N ASP C 188 -30.13 -0.44 -48.26
CA ASP C 188 -30.58 0.85 -47.74
C ASP C 188 -30.22 1.98 -48.67
N TYR C 189 -29.02 1.95 -49.26
CA TYR C 189 -28.63 3.01 -50.19
C TYR C 189 -29.55 3.05 -51.39
N GLU C 190 -29.78 1.91 -52.05
CA GLU C 190 -30.69 1.85 -53.18
C GLU C 190 -32.14 2.04 -52.77
N LYS C 191 -32.41 2.22 -51.48
CA LYS C 191 -33.75 2.54 -51.01
C LYS C 191 -34.04 4.04 -50.94
N HIS C 192 -33.00 4.88 -50.89
CA HIS C 192 -33.19 6.32 -50.76
C HIS C 192 -32.46 7.04 -51.88
N LYS C 193 -32.73 8.33 -52.01
CA LYS C 193 -32.09 9.18 -53.03
C LYS C 193 -31.33 10.35 -52.42
N VAL C 194 -31.93 11.09 -51.50
CA VAL C 194 -31.35 12.32 -50.98
C VAL C 194 -30.52 12.00 -49.74
N TYR C 195 -29.29 12.48 -49.72
CA TYR C 195 -28.40 12.30 -48.58
C TYR C 195 -27.82 13.65 -48.20
N ALA C 196 -27.95 14.02 -46.93
CA ALA C 196 -27.46 15.32 -46.49
C ALA C 196 -26.97 15.23 -45.05
N CYS C 197 -26.14 16.21 -44.68
CA CYS C 197 -25.63 16.34 -43.33
C CYS C 197 -25.68 17.80 -42.91
N GLU C 198 -26.17 18.01 -41.69
CA GLU C 198 -26.35 19.33 -41.10
C GLU C 198 -25.28 19.56 -40.03
N VAL C 199 -24.48 20.59 -40.25
CA VAL C 199 -23.38 20.96 -39.36
C VAL C 199 -23.82 22.16 -38.54
N THR C 200 -23.64 22.06 -37.22
CA THR C 200 -23.92 23.14 -36.29
C THR C 200 -22.64 23.46 -35.53
N HIS C 201 -22.12 24.67 -35.75
CA HIS C 201 -20.91 25.14 -35.05
C HIS C 201 -21.12 26.58 -34.55
N GLN C 202 -20.60 26.89 -33.36
CA GLN C 202 -20.75 28.24 -32.74
C GLN C 202 -20.35 29.31 -33.77
N GLY C 203 -19.39 29.00 -34.64
CA GLY C 203 -18.97 29.94 -35.67
C GLY C 203 -19.97 30.11 -36.79
N LEU C 204 -20.84 29.12 -37.00
CA LEU C 204 -21.88 29.17 -38.02
C LEU C 204 -23.17 29.61 -37.35
N SER C 205 -23.63 30.82 -37.68
CA SER C 205 -24.83 31.36 -37.03
C SER C 205 -26.01 30.42 -37.19
N SER C 206 -26.38 30.10 -38.43
CA SER C 206 -27.49 29.19 -38.71
CA SER C 206 -27.49 29.19 -38.71
C SER C 206 -26.91 27.88 -39.22
N PRO C 207 -27.21 26.76 -38.57
CA PRO C 207 -26.62 25.47 -38.98
C PRO C 207 -26.56 25.25 -40.48
N VAL C 208 -25.36 25.08 -41.00
CA VAL C 208 -25.19 24.76 -42.41
C VAL C 208 -25.75 23.37 -42.66
N THR C 209 -26.03 23.06 -43.92
CA THR C 209 -26.57 21.76 -44.30
C THR C 209 -26.18 21.47 -45.74
N LYS C 210 -25.18 20.60 -45.91
CA LYS C 210 -24.79 20.14 -47.24
C LYS C 210 -25.64 18.94 -47.61
N SER C 211 -25.83 18.72 -48.90
CA SER C 211 -26.71 17.65 -49.36
C SER C 211 -26.35 17.26 -50.78
N PHE C 212 -27.04 16.22 -51.25
CA PHE C 212 -26.95 15.82 -52.65
C PHE C 212 -28.01 14.76 -52.91
N ASN C 213 -28.22 14.48 -54.19
CA ASN C 213 -29.17 13.48 -54.64
C ASN C 213 -28.43 12.20 -55.05
N ARG C 214 -29.10 11.07 -54.90
CA ARG C 214 -28.47 9.78 -55.18
C ARG C 214 -28.28 9.60 -56.68
N GLY C 215 -27.10 9.96 -57.18
CA GLY C 215 -26.80 9.85 -58.60
C GLY C 215 -25.37 10.21 -58.93
C1 PTY D . -2.39 10.47 47.21
O4 PTY D . -3.07 9.76 46.22
C5 PTY D . -0.15 11.23 48.04
C6 PTY D . -0.88 10.45 46.96
O7 PTY D . -0.60 11.05 45.73
C8 PTY D . -0.78 10.24 44.62
O10 PTY D . -0.62 9.07 44.70
C11 PTY D . -1.22 10.89 43.32
C12 PTY D . -0.55 10.16 42.16
C13 PTY D . -1.56 9.83 41.09
C14 PTY D . -1.71 10.99 40.13
C15 PTY D . -2.87 10.69 39.20
C16 PTY D . -3.91 11.80 39.26
C17 PTY D . -5.16 11.30 38.54
C18 PTY D . -5.56 12.19 37.36
C19 PTY D . -5.40 11.41 36.05
C30 PTY D . -4.12 10.41 45.55
C31 PTY D . -4.83 9.65 44.43
O30 PTY D . -4.45 11.50 45.84
C32 PTY D . -6.00 10.45 43.84
C33 PTY D . -5.87 10.48 42.32
C34 PTY D . -6.26 9.13 41.73
C35 PTY D . -7.78 9.00 41.59
C36 PTY D . -8.19 9.17 40.14
C37 PTY D . -9.70 9.21 40.08
C38 PTY D . -10.17 9.90 38.79
C39 PTY D . -10.03 8.97 37.58
C40 PTY D . -11.16 9.21 36.59
C41 PTY D . -12.24 8.16 36.81
C42 PTY D . -13.48 8.46 35.98
C43 PTY D . -14.66 8.65 36.94
P1 PTY D . -1.27 13.46 48.79
O11 PTY D . 0.19 14.16 48.48
O12 PTY D . -1.84 14.01 50.09
O13 PTY D . -2.22 13.78 47.67
O14 PTY D . -1.07 11.83 48.89
O7 PTY E . -15.74 8.83 48.77
C8 PTY E . -15.49 8.43 47.46
O10 PTY E . -15.36 7.28 47.22
C11 PTY E . -15.40 9.48 46.35
C12 PTY E . -14.89 8.84 45.05
C13 PTY E . -15.42 9.61 43.84
C14 PTY E . -14.28 9.84 42.85
C15 PTY E . -13.78 8.53 42.26
C16 PTY E . -14.72 8.04 41.16
C17 PTY E . -15.44 6.77 41.61
C18 PTY E . -16.13 6.09 40.43
C19 PTY E . -15.09 5.50 39.49
C20 PTY E . -15.72 4.61 38.44
C21 PTY E . -14.63 4.24 37.45
C22 PTY E . -15.21 3.53 36.23
C23 PTY E . -14.23 3.62 35.06
C24 PTY E . -14.80 2.87 33.86
C1 PTY F . -18.10 1.30 47.70
O4 PTY F . -18.44 0.68 46.49
C5 PTY F . -15.89 1.91 48.77
C6 PTY F . -16.76 2.02 47.51
O7 PTY F . -17.00 3.37 47.23
C8 PTY F . -17.82 3.57 46.11
O10 PTY F . -18.84 4.13 46.21
C11 PTY F . -17.35 3.05 44.76
C12 PTY F . -18.42 3.23 43.69
C13 PTY F . -18.25 2.14 42.64
C14 PTY F . -19.42 2.11 41.66
C15 PTY F . -19.00 2.79 40.37
C16 PTY F . -19.92 2.40 39.22
C17 PTY F . -19.07 2.00 38.03
C18 PTY F . -19.86 2.06 36.74
C19 PTY F . -19.81 0.72 36.00
C20 PTY F . -19.61 0.95 34.49
C21 PTY F . -20.50 0.03 33.65
C22 PTY F . -21.55 0.86 32.94
C23 PTY F . -22.57 -0.07 32.28
C1 PTY G . 22.35 -19.43 41.10
O4 PTY G . 23.53 -19.42 41.87
C5 PTY G . 21.60 -17.11 41.64
C6 PTY G . 22.06 -18.05 40.53
O7 PTY G . 21.06 -18.13 39.56
C8 PTY G . 19.85 -18.69 39.98
O10 PTY G . 19.06 -18.02 40.56
C11 PTY G . 19.55 -20.16 39.69
C12 PTY G . 18.43 -20.71 40.55
C13 PTY G . 17.25 -21.07 39.65
C14 PTY G . 17.51 -22.39 38.94
C15 PTY G . 16.34 -22.65 37.98
C16 PTY G . 15.71 -24.01 38.24
C17 PTY G . 14.22 -23.94 37.89
C18 PTY G . 13.51 -25.23 38.28
C19 PTY G . 13.88 -26.36 37.34
C20 PTY G . 12.66 -27.24 37.09
C21 PTY G . 13.05 -28.45 36.25
C22 PTY G . 11.85 -28.94 35.45
C30 PTY G . 24.73 -19.66 41.19
O30 PTY G . 25.66 -18.96 41.41
C1 PTY H . 23.38 -11.50 35.26
O4 PTY H . 22.48 -11.88 36.25
C5 PTY H . 25.38 -10.70 36.50
C6 PTY H . 24.80 -11.87 35.70
O7 PTY H . 25.63 -12.14 34.60
C8 PTY H . 24.99 -12.42 33.39
O10 PTY H . 24.69 -11.53 32.67
C11 PTY H . 24.70 -13.85 32.98
C12 PTY H . 24.27 -13.87 31.52
C13 PTY H . 24.04 -15.32 31.08
C14 PTY H . 23.15 -15.33 29.83
C15 PTY H . 23.40 -14.06 29.03
C16 PTY H . 23.04 -14.31 27.57
C17 PTY H . 24.12 -15.17 26.92
C18 PTY H . 23.46 -16.34 26.20
C19 PTY H . 23.71 -16.21 24.69
C20 PTY H . 22.45 -16.59 23.93
C21 PTY H . 22.65 -16.28 22.45
C30 PTY H . 22.03 -13.20 36.15
C31 PTY H . 22.54 -14.27 37.12
O30 PTY H . 21.25 -13.49 35.29
C32 PTY H . 21.89 -15.61 36.80
C33 PTY H . 22.86 -16.48 36.02
C34 PTY H . 22.24 -17.85 35.76
C35 PTY H . 22.72 -18.39 34.43
C36 PTY H . 22.05 -19.72 34.14
C37 PTY H . 22.61 -20.32 32.85
C38 PTY H . 21.63 -20.07 31.72
C39 PTY H . 21.70 -18.60 31.29
C40 PTY H . 21.89 -18.51 29.78
C41 PTY H . 21.32 -19.76 29.11
C42 PTY H . 22.08 -20.05 27.82
C43 PTY H . 21.61 -21.37 27.22
C44 PTY H . 20.91 -21.11 25.89
CAA Y01 I . 21.71 9.18 20.19
CBA Y01 I . 20.71 8.19 19.54
CAB Y01 I . 21.10 6.76 19.87
CAN Y01 I . 19.26 8.54 19.98
CAJ Y01 I . 18.93 8.03 21.43
CAO Y01 I . 17.37 7.98 21.65
CBB Y01 I . 16.71 6.81 20.75
CAC Y01 I . 17.35 5.49 21.29
CBE Y01 I . 15.32 6.85 20.86
CAP Y01 I . 14.83 8.26 20.19
CAQ Y01 I . 13.81 7.81 18.78
CBG Y01 I . 13.16 6.35 19.29
CBI Y01 I . 14.45 5.61 20.08
CAE Y01 I . 15.39 5.11 18.97
CAU Y01 I . 14.08 4.68 20.70
CAS Y01 I . 13.23 3.89 20.14
CBF Y01 I . 12.14 4.58 19.14
CBD Y01 I . 12.54 5.66 18.57
CAK Y01 I . 11.67 6.21 18.02
CAI Y01 I . 10.63 5.15 17.21
CAZ Y01 I . 10.94 3.91 17.14
CAV Y01 I . 10.01 2.88 16.34
CBH Y01 I . 11.63 3.42 18.02
CAD Y01 I . 12.85 2.78 17.33
CAT Y01 I . 10.92 2.20 18.88
CAR Y01 I . 10.08 1.28 18.03
CBC Y01 I . 9.22 2.00 17.35
OAW Y01 I . 8.23 1.14 16.59
CAY Y01 I . 7.16 1.88 16.08
OAG Y01 I . 6.92 1.84 14.92
CAM Y01 I . 6.31 2.77 17.03
CAL Y01 I . 6.83 4.25 16.98
CAX Y01 I . 5.70 5.24 17.31
OAH Y01 I . 5.50 5.59 18.52
OAF Y01 I . 4.98 5.72 16.39
CAA Y01 J . 16.33 -4.98 16.31
CBA Y01 J . 17.69 -4.71 15.64
CAB Y01 J . 17.99 -5.82 14.66
CAN Y01 J . 17.65 -3.36 14.89
CAJ Y01 J . 19.02 -3.14 14.15
CAO Y01 J . 19.27 -1.60 13.97
CBB Y01 J . 20.39 -1.29 12.83
CAC Y01 J . 21.32 -2.55 12.70
CBE Y01 J . 19.77 -1.01 11.63
CAP Y01 J . 18.83 0.34 11.82
CAQ Y01 J . 18.93 1.23 10.25
CBG Y01 J . 19.77 0.15 9.26
CBI Y01 J . 20.80 -0.63 10.34
CAE Y01 J . 21.74 0.44 10.90
CAU Y01 J . 21.44 -1.46 9.81
CAS Y01 J . 21.90 -1.16 8.65
CBF Y01 J . 20.80 -0.52 7.66
CBD Y01 J . 20.23 0.46 8.24
CAK Y01 J . 19.50 1.08 7.56
CAI Y01 J . 19.76 0.92 5.91
CAZ Y01 J . 20.96 0.65 5.53
CAV Y01 J . 21.33 0.76 4.00
CBH Y01 J . 21.56 -0.17 6.18
CAD Y01 J . 22.99 0.34 6.46
CAT Y01 J . 21.75 -1.60 5.39
CAR Y01 J . 22.30 -1.41 4.01
CBC Y01 J . 21.51 -0.64 3.31
OAW Y01 J . 22.07 -0.46 1.91
CAY Y01 J . 21.08 -0.09 0.98
OAG Y01 J . 20.21 0.64 1.29
CAM Y01 J . 21.14 -0.67 -0.45
CAL Y01 J . 21.55 -2.15 -0.38
CAX Y01 J . 20.99 -2.91 -1.61
OAH Y01 J . 21.79 -3.46 -2.42
OAF Y01 J . 19.75 -2.98 -1.79
CAA Y01 K . 21.95 1.64 23.28
CBA Y01 K . 21.62 1.02 21.91
CAB Y01 K . 21.66 -0.48 22.07
CAN Y01 K . 20.19 1.45 21.46
CAJ Y01 K . 19.92 1.01 19.98
CAO Y01 K . 19.35 2.24 19.17
CBB Y01 K . 18.91 1.88 17.65
CAC Y01 K . 18.64 0.35 17.53
CBE Y01 K . 17.80 2.66 17.36
CAP Y01 K . 18.23 4.22 17.59
CAQ Y01 K . 17.37 5.15 16.31
CBG Y01 K . 16.27 4.02 15.70
CBI Y01 K . 17.21 2.62 15.78
CAE Y01 K . 18.44 2.86 14.89
CAU Y01 K . 16.64 1.69 15.37
CAS Y01 K . 15.94 1.88 14.30
CBF Y01 K . 14.93 3.13 14.47
CBD Y01 K . 15.62 4.16 14.73
CAK Y01 K . 15.00 5.13 14.71
CAI Y01 K . 14.24 5.35 13.21
CAZ Y01 K . 13.58 4.35 12.76
CAV Y01 K . 12.31 4.50 11.81
CBH Y01 K . 13.88 3.22 13.15
CAD Y01 K . 14.47 2.44 11.97
CAT Y01 K . 12.51 2.41 13.60
CAR Y01 K . 11.47 2.41 12.52
CBC Y01 K . 11.08 3.63 12.25
OAW Y01 K . 10.01 3.57 11.17
CAY Y01 K . 8.74 3.18 11.65
OAG Y01 K . 8.46 3.34 12.79
CAM Y01 K . 7.69 2.53 10.71
CAL Y01 K . 6.45 3.45 10.58
CAX Y01 K . 5.85 3.36 9.16
OAH Y01 K . 6.54 3.70 8.15
OAF Y01 K . 4.67 2.95 8.98
#